data_1NKK
#
_entry.id   1NKK
#
_cell.length_a   105.170
_cell.length_b   215.250
_cell.length_c   52.330
_cell.angle_alpha   90.00
_cell.angle_beta   90.00
_cell.angle_gamma   90.00
#
_symmetry.space_group_name_H-M   'P 21 21 2'
#
loop_
_entity.id
_entity.type
_entity.pdbx_description
1 polymer 'Capsid protein P40'
2 polymer 'Peptidomimetic inhibitor'
3 water water
#
loop_
_entity_poly.entity_id
_entity_poly.type
_entity_poly.pdbx_seq_one_letter_code
_entity_poly.pdbx_strand_id
1 'polypeptide(L)'
;MTMDEQQSQAVAPVYVGGFLARYDQSPDEARLLLPRDVVEHWLHAQGQGQPSLSVALPLNINHDDTAVVGHVAAMQSVRD
GLFCLGCVTSPRFLEIVRRASEKSELVSRGPVSPLQPDKVVEFLSGSYAGLSLSSRRCDDVEQATSLSGSETTPFKHVAL
CSVGRRRGTLAVYGRDPEWVTQRFPDLTAADRDGLRAQWQRCGSTAVDASGDPFRSDSYGLLGNSVDALYIRERLPKLRY
DKQLVGVTERESYVKA
;
A,B,C,D
2 'polypeptide(L)' (ACE)V(DMK)(DMH)A(CFT) E,F,G,H
#
loop_
_chem_comp.id
_chem_comp.type
_chem_comp.name
_chem_comp.formula
ACE non-polymer 'ACETYL GROUP' 'C2 H4 O'
CFT non-polymer TRIFLUOROMETHANE 'C H F3'
#
# COMPACT_ATOMS: atom_id res chain seq x y z
N ASP A 4 -11.22 8.75 -13.15
CA ASP A 4 -10.15 9.61 -13.72
C ASP A 4 -9.51 10.47 -12.63
N GLU A 5 -9.98 10.27 -11.39
CA GLU A 5 -9.43 11.00 -10.25
C GLU A 5 -8.20 10.23 -9.81
N GLN A 6 -8.12 9.00 -10.27
CA GLN A 6 -7.03 8.09 -9.98
C GLN A 6 -5.76 8.56 -10.69
N GLN A 7 -5.93 9.45 -11.66
CA GLN A 7 -4.82 9.98 -12.44
C GLN A 7 -4.29 11.31 -11.91
N SER A 8 -5.13 12.05 -11.20
CA SER A 8 -4.73 13.33 -10.65
C SER A 8 -3.67 13.16 -9.56
N GLN A 9 -3.80 12.08 -8.80
CA GLN A 9 -2.85 11.81 -7.73
C GLN A 9 -1.67 11.03 -8.31
N ALA A 10 -1.90 10.34 -9.42
CA ALA A 10 -0.86 9.56 -10.11
C ALA A 10 0.16 10.50 -10.75
N VAL A 11 -0.34 11.65 -11.20
CA VAL A 11 0.54 12.66 -11.84
C VAL A 11 0.94 13.76 -10.84
N ALA A 12 0.88 13.44 -9.55
CA ALA A 12 1.27 14.40 -8.52
C ALA A 12 2.80 14.35 -8.40
N PRO A 13 3.41 15.36 -7.75
CA PRO A 13 4.86 15.34 -7.63
C PRO A 13 5.44 14.03 -7.04
N VAL A 14 6.65 13.69 -7.48
CA VAL A 14 7.31 12.49 -7.02
C VAL A 14 8.70 12.86 -6.52
N TYR A 15 9.06 12.41 -5.33
CA TYR A 15 10.38 12.71 -4.83
C TYR A 15 11.37 11.63 -5.19
N VAL A 16 12.62 12.03 -5.33
CA VAL A 16 13.69 11.10 -5.63
C VAL A 16 14.87 11.45 -4.76
N GLY A 17 15.48 10.42 -4.19
CA GLY A 17 16.63 10.65 -3.33
C GLY A 17 17.68 9.61 -3.58
N GLY A 18 18.90 9.94 -3.21
CA GLY A 18 20.01 9.03 -3.40
C GLY A 18 21.32 9.77 -3.29
N PHE A 19 22.42 9.03 -3.30
CA PHE A 19 23.73 9.65 -3.19
C PHE A 19 24.26 9.97 -4.58
N LEU A 20 24.82 11.16 -4.74
CA LEU A 20 25.38 11.57 -6.02
C LEU A 20 26.81 11.10 -6.04
N ALA A 21 27.34 10.80 -4.88
CA ALA A 21 28.70 10.32 -4.80
C ALA A 21 28.95 9.70 -3.44
N ARG A 22 29.81 8.70 -3.42
CA ARG A 22 30.17 8.00 -2.19
C ARG A 22 31.65 8.25 -2.01
N TYR A 23 32.04 8.80 -0.88
CA TYR A 23 33.43 9.09 -0.63
C TYR A 23 34.24 7.81 -0.44
N ASP A 24 33.60 6.77 0.05
CA ASP A 24 34.29 5.50 0.28
C ASP A 24 34.33 4.61 -0.94
N GLN A 25 34.04 5.16 -2.11
CA GLN A 25 34.07 4.39 -3.36
C GLN A 25 35.13 4.99 -4.27
N SER A 26 36.10 4.21 -4.67
CA SER A 26 37.14 4.72 -5.54
C SER A 26 36.68 4.62 -6.99
N PRO A 27 36.61 5.79 -7.68
CA PRO A 27 36.18 5.88 -9.08
C PRO A 27 37.15 5.14 -9.97
N ASP A 28 36.62 4.35 -10.90
CA ASP A 28 37.48 3.63 -11.82
C ASP A 28 37.96 4.61 -12.90
N GLU A 29 37.78 5.91 -12.64
CA GLU A 29 38.21 6.98 -13.55
C GLU A 29 38.40 8.27 -12.74
N ALA A 30 39.58 8.86 -12.85
CA ALA A 30 39.93 10.07 -12.11
C ALA A 30 38.94 11.22 -12.22
N ARG A 31 38.34 11.36 -13.40
CA ARG A 31 37.38 12.43 -13.61
C ARG A 31 36.17 12.27 -12.70
N LEU A 32 35.99 11.09 -12.14
CA LEU A 32 34.86 10.82 -11.26
C LEU A 32 35.21 11.04 -9.79
N LEU A 33 36.48 11.32 -9.51
CA LEU A 33 36.89 11.57 -8.13
C LEU A 33 36.12 12.79 -7.67
N LEU A 34 35.71 12.79 -6.40
CA LEU A 34 34.96 13.91 -5.87
C LEU A 34 34.91 13.70 -4.37
N PRO A 35 36.00 14.06 -3.67
CA PRO A 35 36.09 13.91 -2.22
C PRO A 35 35.29 14.94 -1.44
N ARG A 36 34.87 14.54 -0.25
CA ARG A 36 34.08 15.41 0.63
C ARG A 36 34.60 16.84 0.78
N ASP A 37 35.91 17.01 0.70
CA ASP A 37 36.53 18.33 0.83
C ASP A 37 36.05 19.27 -0.27
N VAL A 38 36.15 18.80 -1.51
CA VAL A 38 35.73 19.58 -2.65
C VAL A 38 34.24 19.85 -2.55
N VAL A 39 33.48 18.80 -2.24
CA VAL A 39 32.05 18.90 -2.12
C VAL A 39 31.66 19.99 -1.12
N GLU A 40 32.25 19.96 0.06
CA GLU A 40 31.92 20.94 1.09
C GLU A 40 32.30 22.36 0.74
N HIS A 41 33.39 22.54 -0.01
CA HIS A 41 33.75 23.90 -0.41
C HIS A 41 32.73 24.33 -1.45
N TRP A 42 32.52 23.48 -2.46
CA TRP A 42 31.55 23.75 -3.51
C TRP A 42 30.18 24.06 -2.90
N LEU A 43 29.68 23.16 -2.07
CA LEU A 43 28.40 23.38 -1.43
C LEU A 43 28.38 24.74 -0.75
N HIS A 44 29.54 25.16 -0.27
CA HIS A 44 29.67 26.46 0.39
C HIS A 44 29.73 27.61 -0.62
N ALA A 45 30.49 27.41 -1.70
CA ALA A 45 30.65 28.43 -2.74
C ALA A 45 29.35 28.87 -3.42
N GLN A 46 28.40 27.96 -3.60
CA GLN A 46 27.14 28.33 -4.24
C GLN A 46 25.94 28.00 -3.38
N VAL A 55 19.35 29.58 -8.69
CA VAL A 55 18.35 28.96 -7.84
C VAL A 55 18.63 27.47 -7.62
N ALA A 56 17.56 26.68 -7.72
CA ALA A 56 17.65 25.24 -7.54
C ALA A 56 18.11 24.56 -8.82
N LEU A 57 19.07 23.66 -8.70
CA LEU A 57 19.59 22.93 -9.83
C LEU A 57 18.48 22.13 -10.52
N PRO A 58 18.46 22.14 -11.85
CA PRO A 58 17.44 21.42 -12.63
C PRO A 58 17.59 19.90 -12.58
N LEU A 59 16.49 19.20 -12.84
CA LEU A 59 16.49 17.73 -12.85
C LEU A 59 16.15 17.32 -14.27
N ASN A 60 17.06 16.63 -14.95
CA ASN A 60 16.78 16.22 -16.31
C ASN A 60 16.86 14.71 -16.49
N ILE A 61 16.49 14.27 -17.69
CA ILE A 61 16.54 12.87 -18.03
C ILE A 61 17.83 12.57 -18.78
N ASN A 62 18.62 11.65 -18.25
CA ASN A 62 19.88 11.23 -18.83
C ASN A 62 20.75 12.38 -19.36
N HIS A 63 20.78 13.46 -18.60
CA HIS A 63 21.58 14.63 -18.93
C HIS A 63 21.13 15.42 -20.14
N ASP A 64 19.94 15.14 -20.64
CA ASP A 64 19.41 15.87 -21.78
C ASP A 64 18.90 17.20 -21.25
N ASP A 65 19.44 18.32 -21.72
CA ASP A 65 19.01 19.63 -21.23
C ASP A 65 17.60 20.03 -21.72
N THR A 66 16.97 19.16 -22.50
CA THR A 66 15.62 19.44 -22.98
C THR A 66 14.63 18.57 -22.19
N ALA A 67 15.15 17.58 -21.48
CA ALA A 67 14.31 16.68 -20.70
C ALA A 67 14.36 16.99 -19.21
N VAL A 68 14.12 18.26 -18.87
CA VAL A 68 14.11 18.69 -17.48
C VAL A 68 12.73 18.37 -16.91
N VAL A 69 12.73 17.67 -15.79
CA VAL A 69 11.48 17.23 -15.19
C VAL A 69 11.17 17.80 -13.80
N GLY A 70 12.16 18.43 -13.18
CA GLY A 70 11.93 18.99 -11.87
C GLY A 70 13.15 19.74 -11.39
N HIS A 71 13.38 19.72 -10.08
CA HIS A 71 14.53 20.43 -9.53
C HIS A 71 15.14 19.71 -8.32
N VAL A 72 16.38 20.05 -8.01
CA VAL A 72 17.05 19.47 -6.87
C VAL A 72 16.65 20.28 -5.67
N ALA A 73 15.87 19.68 -4.79
CA ALA A 73 15.35 20.36 -3.60
C ALA A 73 16.35 20.48 -2.46
N ALA A 74 17.32 19.58 -2.40
CA ALA A 74 18.28 19.61 -1.32
C ALA A 74 19.53 18.81 -1.59
N MET A 75 20.65 19.36 -1.16
CA MET A 75 21.94 18.72 -1.31
C MET A 75 22.59 18.81 0.06
N GLN A 76 23.20 17.72 0.49
CA GLN A 76 23.82 17.64 1.79
C GLN A 76 24.99 16.68 1.80
N SER A 77 26.14 17.19 2.22
CA SER A 77 27.32 16.35 2.31
C SER A 77 27.16 15.65 3.64
N VAL A 78 27.25 14.32 3.64
CA VAL A 78 27.11 13.57 4.88
C VAL A 78 28.26 12.59 5.07
N ARG A 79 28.25 11.87 6.19
CA ARG A 79 29.32 10.92 6.50
C ARG A 79 29.84 10.08 5.34
N ASP A 80 28.93 9.47 4.58
CA ASP A 80 29.35 8.60 3.49
C ASP A 80 29.24 9.14 2.07
N GLY A 81 28.95 10.43 1.92
CA GLY A 81 28.85 10.97 0.59
C GLY A 81 27.99 12.21 0.45
N LEU A 82 27.75 12.60 -0.80
CA LEU A 82 26.91 13.75 -1.11
C LEU A 82 25.54 13.21 -1.44
N PHE A 83 24.57 13.46 -0.58
CA PHE A 83 23.22 12.97 -0.80
C PHE A 83 22.33 14.10 -1.24
N CYS A 84 21.50 13.84 -2.23
CA CYS A 84 20.58 14.87 -2.71
C CYS A 84 19.15 14.37 -2.71
N LEU A 85 18.22 15.31 -2.73
CA LEU A 85 16.81 14.99 -2.74
C LEU A 85 16.17 15.85 -3.82
N GLY A 86 15.52 15.22 -4.80
CA GLY A 86 14.90 15.97 -5.88
C GLY A 86 13.40 15.81 -5.97
N CYS A 87 12.78 16.57 -6.87
CA CYS A 87 11.34 16.49 -7.03
C CYS A 87 10.96 16.53 -8.51
N VAL A 88 10.28 15.50 -8.95
CA VAL A 88 9.84 15.42 -10.34
C VAL A 88 8.50 16.14 -10.35
N THR A 89 8.46 17.26 -11.08
CA THR A 89 7.25 18.08 -11.12
C THR A 89 6.64 18.36 -12.48
N SER A 90 7.28 17.91 -13.55
CA SER A 90 6.74 18.16 -14.87
C SER A 90 5.42 17.43 -15.17
N PRO A 91 4.33 18.18 -15.37
CA PRO A 91 3.02 17.57 -15.65
C PRO A 91 3.07 16.73 -16.92
N ARG A 92 3.70 17.29 -17.95
CA ARG A 92 3.85 16.62 -19.24
C ARG A 92 4.56 15.28 -19.02
N PHE A 93 5.73 15.35 -18.39
CA PHE A 93 6.51 14.16 -18.09
C PHE A 93 5.72 13.16 -17.24
N LEU A 94 5.27 13.59 -16.07
CA LEU A 94 4.50 12.73 -15.19
C LEU A 94 3.36 12.09 -15.95
N GLU A 95 2.82 12.83 -16.91
CA GLU A 95 1.75 12.29 -17.71
C GLU A 95 2.27 11.18 -18.62
N ILE A 96 3.38 11.41 -19.31
CA ILE A 96 3.94 10.37 -20.19
C ILE A 96 4.15 9.10 -19.38
N VAL A 97 4.78 9.25 -18.22
CA VAL A 97 5.09 8.13 -17.35
C VAL A 97 3.81 7.39 -16.94
N ARG A 98 2.73 8.13 -16.76
CA ARG A 98 1.48 7.50 -16.39
C ARG A 98 1.02 6.61 -17.54
N ARG A 99 0.89 7.20 -18.73
CA ARG A 99 0.46 6.44 -19.90
C ARG A 99 1.33 5.20 -20.11
N ALA A 100 2.64 5.35 -20.01
CA ALA A 100 3.54 4.23 -20.22
C ALA A 100 3.51 3.17 -19.12
N SER A 101 3.22 3.56 -17.88
CA SER A 101 3.18 2.59 -16.79
C SER A 101 2.04 1.58 -16.97
N GLU A 102 0.92 2.02 -17.52
CA GLU A 102 -0.22 1.13 -17.74
C GLU A 102 0.23 -0.02 -18.64
N LYS A 103 1.29 0.21 -19.40
CA LYS A 103 1.78 -0.78 -20.33
C LYS A 103 3.11 -1.43 -19.95
N SER A 104 3.38 -1.55 -18.65
CA SER A 104 4.61 -2.18 -18.22
C SER A 104 4.27 -3.40 -17.39
N GLU A 105 4.72 -4.56 -17.83
CA GLU A 105 4.43 -5.77 -17.07
C GLU A 105 5.01 -5.65 -15.69
N LEU A 106 6.23 -5.11 -15.62
CA LEU A 106 6.93 -4.92 -14.36
C LEU A 106 6.06 -4.14 -13.38
N VAL A 107 5.44 -3.07 -13.86
CA VAL A 107 4.57 -2.26 -13.02
C VAL A 107 3.40 -3.11 -12.60
N SER A 108 2.90 -3.94 -13.50
CA SER A 108 1.75 -4.79 -13.19
C SER A 108 2.02 -5.82 -12.11
N ARG A 109 3.29 -6.19 -11.95
CA ARG A 109 3.69 -7.15 -10.93
C ARG A 109 3.57 -6.48 -9.57
N GLY A 110 3.33 -5.16 -9.58
CA GLY A 110 3.17 -4.41 -8.35
C GLY A 110 4.36 -4.41 -7.41
N PRO A 111 4.27 -3.70 -6.28
CA PRO A 111 5.34 -3.62 -5.29
C PRO A 111 5.34 -4.78 -4.31
N VAL A 112 6.31 -4.74 -3.40
CA VAL A 112 6.48 -5.79 -2.40
C VAL A 112 5.66 -5.72 -1.12
N SER A 113 6.19 -6.39 -0.10
CA SER A 113 5.62 -6.51 1.25
C SER A 113 4.27 -5.80 1.43
N PRO A 114 4.20 -4.69 2.22
CA PRO A 114 2.86 -4.10 2.33
C PRO A 114 2.70 -2.76 1.62
N LEU A 115 3.62 -2.46 0.71
CA LEU A 115 3.54 -1.21 -0.04
C LEU A 115 2.30 -1.25 -0.95
N GLN A 116 1.84 -0.08 -1.37
CA GLN A 116 0.69 -0.02 -2.26
C GLN A 116 1.20 0.31 -3.65
N PRO A 117 0.65 -0.35 -4.68
CA PRO A 117 1.11 -0.07 -6.04
C PRO A 117 1.03 1.41 -6.37
N ASP A 118 2.09 1.91 -7.01
CA ASP A 118 2.18 3.32 -7.41
C ASP A 118 2.80 3.28 -8.81
N LYS A 119 1.98 2.93 -9.79
CA LYS A 119 2.47 2.80 -11.15
C LYS A 119 3.52 3.83 -11.57
N VAL A 120 3.18 5.12 -11.52
CA VAL A 120 4.13 6.15 -11.93
C VAL A 120 5.44 6.03 -11.16
N VAL A 121 5.36 5.95 -9.84
CA VAL A 121 6.58 5.83 -9.04
C VAL A 121 7.34 4.56 -9.41
N GLU A 122 6.67 3.42 -9.42
CA GLU A 122 7.32 2.17 -9.75
C GLU A 122 7.99 2.27 -11.10
N PHE A 123 7.33 2.93 -12.04
CA PHE A 123 7.87 3.10 -13.39
C PHE A 123 9.16 3.91 -13.40
N LEU A 124 9.17 5.04 -12.69
CA LEU A 124 10.38 5.87 -12.60
C LEU A 124 11.50 5.06 -11.96
N SER A 125 11.13 4.36 -10.89
CA SER A 125 12.05 3.52 -10.13
C SER A 125 12.77 2.56 -11.08
N GLY A 126 12.01 2.00 -12.03
CA GLY A 126 12.60 1.06 -12.96
C GLY A 126 13.44 1.62 -14.10
N SER A 127 12.95 2.67 -14.74
CA SER A 127 13.66 3.29 -15.85
C SER A 127 14.90 4.04 -15.40
N TYR A 128 14.75 4.82 -14.34
CA TYR A 128 15.85 5.64 -13.86
C TYR A 128 16.28 5.31 -12.45
N ALA A 129 16.86 4.13 -12.28
CA ALA A 129 17.31 3.68 -10.97
C ALA A 129 18.61 4.34 -10.56
N GLY A 130 19.13 5.21 -11.42
CA GLY A 130 20.37 5.88 -11.09
C GLY A 130 20.33 7.40 -11.13
N LEU A 131 21.24 8.00 -10.39
CA LEU A 131 21.37 9.44 -10.30
C LEU A 131 22.73 9.77 -10.87
N SER A 132 22.85 10.88 -11.58
CA SER A 132 24.13 11.24 -12.16
C SER A 132 24.38 12.73 -12.11
N LEU A 133 25.31 13.11 -11.24
CA LEU A 133 25.68 14.51 -11.06
C LEU A 133 26.48 15.07 -12.22
N SER A 134 26.24 16.33 -12.53
CA SER A 134 26.97 17.03 -13.57
C SER A 134 27.64 18.21 -12.89
N SER A 135 28.96 18.24 -12.89
CA SER A 135 29.71 19.33 -12.27
C SER A 135 31.01 19.64 -13.02
N ARG A 136 31.64 20.76 -12.68
CA ARG A 136 32.89 21.13 -13.34
C ARG A 136 34.00 20.18 -12.93
N ARG A 137 34.96 19.98 -13.83
CA ARG A 137 36.08 19.09 -13.56
C ARG A 137 36.82 19.47 -12.28
N THR A 152 30.13 31.47 -8.39
CA THR A 152 30.38 30.34 -9.28
C THR A 152 29.31 29.24 -9.11
N THR A 153 29.35 28.27 -10.01
CA THR A 153 28.39 27.17 -9.99
C THR A 153 29.06 25.83 -10.31
N PRO A 154 29.72 25.22 -9.31
CA PRO A 154 30.40 23.92 -9.52
C PRO A 154 29.43 22.83 -9.94
N PHE A 155 28.26 22.83 -9.30
CA PHE A 155 27.21 21.85 -9.58
C PHE A 155 26.26 22.38 -10.66
N LYS A 156 26.20 21.66 -11.77
CA LYS A 156 25.34 22.07 -12.88
C LYS A 156 23.93 21.51 -12.83
N HIS A 157 23.82 20.20 -12.64
CA HIS A 157 22.50 19.57 -12.58
C HIS A 157 22.60 18.09 -12.22
N VAL A 158 21.52 17.57 -11.65
CA VAL A 158 21.47 16.16 -11.32
C VAL A 158 20.64 15.50 -12.41
N ALA A 159 21.08 14.32 -12.85
CA ALA A 159 20.37 13.64 -13.90
C ALA A 159 19.82 12.29 -13.46
N LEU A 160 18.64 11.96 -13.98
CA LEU A 160 18.00 10.68 -13.70
C LEU A 160 18.53 9.78 -14.81
N CYS A 161 18.88 8.54 -14.49
CA CYS A 161 19.44 7.64 -15.50
C CYS A 161 19.26 6.18 -15.10
N SER A 162 19.58 5.27 -16.02
CA SER A 162 19.43 3.84 -15.72
C SER A 162 20.55 3.30 -14.82
N VAL A 163 21.63 4.05 -14.68
CA VAL A 163 22.77 3.71 -13.82
C VAL A 163 23.79 4.83 -13.90
N GLY A 164 24.41 5.16 -12.77
CA GLY A 164 25.41 6.20 -12.77
C GLY A 164 26.81 5.62 -12.88
N ARG A 165 27.72 6.38 -13.48
CA ARG A 165 29.09 5.90 -13.61
C ARG A 165 29.74 5.89 -12.23
N ARG A 166 29.18 6.69 -11.32
CA ARG A 166 29.67 6.75 -9.97
C ARG A 166 28.89 5.65 -9.23
N ARG A 167 29.57 4.87 -8.41
CA ARG A 167 28.92 3.76 -7.71
C ARG A 167 28.20 4.17 -6.43
N GLY A 168 27.05 3.54 -6.18
CA GLY A 168 26.25 3.82 -5.00
C GLY A 168 25.20 4.89 -5.24
N THR A 169 25.00 5.23 -6.51
CA THR A 169 24.06 6.25 -6.91
C THR A 169 22.62 5.78 -7.18
N LEU A 170 22.11 4.85 -6.38
CA LEU A 170 20.74 4.37 -6.59
C LEU A 170 19.67 5.45 -6.35
N ALA A 171 18.68 5.49 -7.22
CA ALA A 171 17.63 6.49 -7.12
C ALA A 171 16.39 5.96 -6.45
N VAL A 172 16.04 6.51 -5.30
CA VAL A 172 14.85 6.06 -4.60
C VAL A 172 13.72 7.07 -4.79
N TYR A 173 12.64 6.62 -5.43
CA TYR A 173 11.50 7.48 -5.70
C TYR A 173 10.37 7.25 -4.71
N GLY A 174 9.62 8.30 -4.42
CA GLY A 174 8.52 8.19 -3.50
C GLY A 174 7.65 9.42 -3.48
N ARG A 175 6.41 9.25 -3.02
CA ARG A 175 5.47 10.35 -2.95
C ARG A 175 5.75 11.31 -1.79
N ASP A 176 6.54 10.87 -0.80
CA ASP A 176 6.87 11.71 0.35
C ASP A 176 8.37 11.83 0.64
N PRO A 177 8.87 13.07 0.70
CA PRO A 177 10.27 13.43 0.97
C PRO A 177 10.81 12.68 2.18
N GLU A 178 10.11 12.83 3.30
CA GLU A 178 10.45 12.20 4.57
C GLU A 178 10.60 10.70 4.40
N TRP A 179 9.54 10.10 3.87
CA TRP A 179 9.50 8.68 3.61
C TRP A 179 10.71 8.28 2.76
N VAL A 180 10.96 9.03 1.69
CA VAL A 180 12.07 8.71 0.81
C VAL A 180 13.42 8.72 1.52
N THR A 181 13.65 9.77 2.28
CA THR A 181 14.91 9.92 2.98
C THR A 181 15.17 8.82 4.01
N GLN A 182 14.10 8.27 4.58
CA GLN A 182 14.25 7.23 5.59
C GLN A 182 14.49 5.86 4.98
N ARG A 183 14.68 5.80 3.67
CA ARG A 183 14.95 4.51 3.04
C ARG A 183 16.44 4.29 3.08
N PHE A 184 17.19 5.34 3.43
CA PHE A 184 18.64 5.23 3.48
C PHE A 184 19.17 5.14 4.90
N PRO A 185 19.63 3.94 5.28
CA PRO A 185 20.18 3.61 6.60
C PRO A 185 21.37 4.49 7.03
N ASP A 186 22.19 4.92 6.08
CA ASP A 186 23.35 5.73 6.40
C ASP A 186 22.99 7.09 7.02
N LEU A 187 21.86 7.64 6.61
CA LEU A 187 21.46 8.96 7.10
C LEU A 187 21.02 8.97 8.55
N THR A 188 21.37 10.04 9.26
CA THR A 188 21.00 10.18 10.67
C THR A 188 19.96 11.28 10.82
N ALA A 189 19.33 11.36 11.99
CA ALA A 189 18.33 12.39 12.21
C ALA A 189 18.89 13.78 11.86
N ALA A 190 20.15 14.00 12.21
CA ALA A 190 20.80 15.28 11.93
C ALA A 190 20.77 15.51 10.43
N ASP A 191 21.20 14.49 9.68
CA ASP A 191 21.22 14.56 8.23
C ASP A 191 19.84 14.97 7.73
N ARG A 192 18.83 14.22 8.12
CA ARG A 192 17.46 14.51 7.69
C ARG A 192 17.01 15.93 8.00
N ASP A 193 17.51 16.50 9.09
CA ASP A 193 17.15 17.87 9.44
C ASP A 193 17.70 18.79 8.37
N GLY A 194 18.98 18.60 8.03
CA GLY A 194 19.61 19.43 7.02
C GLY A 194 18.85 19.38 5.72
N LEU A 195 18.56 18.16 5.26
CA LEU A 195 17.84 17.94 4.01
C LEU A 195 16.41 18.49 4.11
N ARG A 196 15.74 18.19 5.22
CA ARG A 196 14.35 18.64 5.42
C ARG A 196 14.26 20.15 5.34
N ALA A 197 15.17 20.82 6.04
CA ALA A 197 15.22 22.27 6.07
C ALA A 197 15.24 22.81 4.65
N GLN A 198 16.11 22.23 3.83
CA GLN A 198 16.28 22.63 2.45
C GLN A 198 15.05 22.40 1.58
N TRP A 199 14.65 21.14 1.42
CA TRP A 199 13.50 20.83 0.59
C TRP A 199 12.26 21.61 0.97
N GLN A 200 12.18 22.07 2.21
CA GLN A 200 11.01 22.83 2.65
C GLN A 200 11.04 24.29 2.23
N ARG A 201 12.22 24.81 1.93
CA ARG A 201 12.37 26.18 1.49
C ARG A 201 11.88 26.37 0.05
N GLY A 211 5.95 27.69 -17.32
CA GLY A 211 5.61 26.37 -16.82
C GLY A 211 6.26 25.23 -17.59
N ASP A 212 6.16 24.03 -17.05
CA ASP A 212 6.71 22.83 -17.64
C ASP A 212 8.01 22.96 -18.45
N PRO A 213 9.13 22.56 -17.85
CA PRO A 213 10.49 22.58 -18.41
C PRO A 213 10.86 21.34 -19.24
N PHE A 214 9.87 20.51 -19.55
CA PHE A 214 10.10 19.29 -20.31
C PHE A 214 9.84 19.51 -21.80
N ARG A 215 10.86 19.90 -22.54
CA ARG A 215 10.71 20.15 -23.95
C ARG A 215 11.02 18.93 -24.82
N SER A 216 10.76 17.74 -24.28
CA SER A 216 10.98 16.48 -25.00
C SER A 216 9.67 15.71 -25.05
N ASP A 217 9.68 14.47 -25.56
CA ASP A 217 8.46 13.68 -25.61
C ASP A 217 8.67 12.20 -25.39
N SER A 218 7.58 11.45 -25.53
CA SER A 218 7.62 10.00 -25.36
C SER A 218 8.70 9.39 -26.27
N TYR A 219 8.72 9.85 -27.51
CA TYR A 219 9.70 9.36 -28.48
C TYR A 219 11.11 9.52 -27.96
N GLY A 220 11.41 10.70 -27.45
CA GLY A 220 12.74 10.92 -26.92
C GLY A 220 13.05 9.93 -25.81
N LEU A 221 12.02 9.62 -25.00
CA LEU A 221 12.21 8.69 -23.90
C LEU A 221 12.42 7.29 -24.45
N LEU A 222 11.59 6.90 -25.41
CA LEU A 222 11.69 5.60 -26.03
C LEU A 222 13.12 5.37 -26.56
N GLY A 223 13.62 6.35 -27.32
CA GLY A 223 14.95 6.24 -27.88
C GLY A 223 16.02 6.10 -26.83
N ASN A 224 15.90 6.87 -25.76
CA ASN A 224 16.88 6.83 -24.69
C ASN A 224 16.94 5.47 -23.98
N SER A 225 15.81 4.75 -23.96
CA SER A 225 15.76 3.46 -23.28
C SER A 225 16.50 2.39 -24.04
N VAL A 226 16.44 2.44 -25.36
CA VAL A 226 17.15 1.47 -26.13
C VAL A 226 18.62 1.62 -25.79
N ASP A 227 19.05 2.86 -25.60
CA ASP A 227 20.42 3.11 -25.23
C ASP A 227 20.77 2.36 -23.93
N ALA A 228 19.90 2.47 -22.94
CA ALA A 228 20.11 1.82 -21.64
C ALA A 228 20.25 0.28 -21.69
N LEU A 229 19.57 -0.37 -22.63
CA LEU A 229 19.67 -1.82 -22.75
C LEU A 229 21.11 -2.26 -23.02
N TYR A 230 21.92 -1.36 -23.57
CA TYR A 230 23.28 -1.71 -23.89
C TYR A 230 24.35 -1.22 -22.92
N ILE A 231 23.93 -0.70 -21.77
CA ILE A 231 24.90 -0.26 -20.78
C ILE A 231 25.39 -1.56 -20.18
N ARG A 232 26.69 -1.77 -20.24
CA ARG A 232 27.28 -3.01 -19.73
C ARG A 232 27.13 -3.15 -18.24
N GLU A 233 26.68 -4.33 -17.83
CA GLU A 233 26.51 -4.62 -16.41
C GLU A 233 25.57 -3.66 -15.70
N ARG A 234 24.44 -3.36 -16.33
CA ARG A 234 23.46 -2.45 -15.74
C ARG A 234 22.91 -3.00 -14.43
N LEU A 235 22.41 -4.23 -14.45
CA LEU A 235 21.85 -4.83 -13.24
C LEU A 235 22.91 -5.07 -12.16
N PRO A 236 24.03 -5.72 -12.53
CA PRO A 236 25.06 -5.97 -11.53
C PRO A 236 25.44 -4.74 -10.67
N LYS A 237 25.69 -3.60 -11.31
CA LYS A 237 26.07 -2.39 -10.59
C LYS A 237 24.91 -1.84 -9.77
N LEU A 238 23.72 -1.98 -10.32
CA LEU A 238 22.49 -1.53 -9.69
C LEU A 238 22.22 -2.33 -8.40
N ARG A 239 22.63 -3.59 -8.37
CA ARG A 239 22.47 -4.42 -7.17
C ARG A 239 23.53 -3.98 -6.17
N TYR A 240 24.76 -3.88 -6.66
CA TYR A 240 25.90 -3.44 -5.88
C TYR A 240 25.56 -2.16 -5.16
N ASP A 241 24.88 -1.26 -5.89
CA ASP A 241 24.46 0.05 -5.35
C ASP A 241 23.38 -0.10 -4.29
N LYS A 242 22.37 -0.92 -4.57
CA LYS A 242 21.28 -1.14 -3.63
C LYS A 242 21.78 -1.59 -2.27
N GLN A 243 22.71 -2.53 -2.27
CA GLN A 243 23.27 -3.06 -1.03
C GLN A 243 24.18 -2.04 -0.36
N LEU A 244 25.19 -1.58 -1.09
CA LEU A 244 26.11 -0.60 -0.54
C LEU A 244 25.40 0.54 0.19
N VAL A 245 24.29 0.99 -0.38
CA VAL A 245 23.54 2.08 0.20
C VAL A 245 22.52 1.60 1.24
N GLY A 246 22.56 0.29 1.52
CA GLY A 246 21.65 -0.27 2.51
C GLY A 246 20.16 -0.21 2.22
N VAL A 247 19.79 0.15 1.01
CA VAL A 247 18.37 0.23 0.65
C VAL A 247 17.87 -1.20 0.50
N THR A 248 18.82 -2.12 0.37
CA THR A 248 18.52 -3.54 0.27
C THR A 248 17.75 -3.92 1.56
N GLU A 249 18.22 -3.38 2.68
CA GLU A 249 17.66 -3.63 4.01
C GLU A 249 16.26 -3.07 4.30
N ARG A 250 15.71 -2.24 3.43
CA ARG A 250 14.37 -1.69 3.68
C ARG A 250 13.32 -2.07 2.63
N GLU A 251 12.14 -1.47 2.77
CA GLU A 251 11.05 -1.68 1.82
C GLU A 251 11.00 -0.40 1.01
N SER A 252 10.96 -0.54 -0.30
CA SER A 252 10.95 0.61 -1.21
C SER A 252 10.40 0.15 -2.55
N TYR A 253 10.26 1.06 -3.51
CA TYR A 253 9.75 0.68 -4.82
C TYR A 253 10.88 0.37 -5.78
N VAL A 254 12.08 0.23 -5.26
CA VAL A 254 13.23 -0.07 -6.09
C VAL A 254 12.98 -1.40 -6.77
N LYS A 255 12.93 -1.38 -8.09
CA LYS A 255 12.70 -2.63 -8.83
C LYS A 255 14.02 -3.34 -9.00
N ALA A 256 15.11 -2.62 -8.79
CA ALA A 256 16.46 -3.19 -8.92
C ALA A 256 16.76 -4.26 -7.88
N GLU B 5 11.28 13.22 -47.16
CA GLU B 5 12.23 12.67 -48.17
C GLU B 5 13.08 11.53 -47.61
N GLN B 6 14.12 11.87 -46.87
CA GLN B 6 14.98 10.88 -46.25
C GLN B 6 14.15 10.15 -45.19
N GLN B 7 13.03 10.76 -44.83
CA GLN B 7 12.13 10.18 -43.85
C GLN B 7 11.21 9.21 -44.56
N SER B 8 10.80 9.60 -45.76
CA SER B 8 9.94 8.80 -46.61
C SER B 8 10.57 7.42 -46.77
N GLN B 9 11.86 7.40 -47.05
CA GLN B 9 12.56 6.14 -47.22
C GLN B 9 12.96 5.53 -45.88
N ALA B 10 12.87 6.33 -44.82
CA ALA B 10 13.21 5.84 -43.48
C ALA B 10 12.07 4.96 -42.98
N VAL B 11 10.84 5.35 -43.29
CA VAL B 11 9.65 4.62 -42.87
C VAL B 11 9.19 3.58 -43.89
N ALA B 12 10.10 3.18 -44.78
CA ALA B 12 9.80 2.18 -45.78
C ALA B 12 9.75 0.81 -45.09
N PRO B 13 9.15 -0.20 -45.73
CA PRO B 13 9.11 -1.52 -45.08
C PRO B 13 10.51 -1.95 -44.61
N VAL B 14 10.57 -2.76 -43.55
CA VAL B 14 11.83 -3.27 -43.02
C VAL B 14 11.71 -4.77 -42.84
N TYR B 15 12.63 -5.53 -43.43
CA TYR B 15 12.57 -6.98 -43.30
C TYR B 15 13.37 -7.43 -42.10
N VAL B 16 12.92 -8.53 -41.52
CA VAL B 16 13.55 -9.11 -40.34
C VAL B 16 13.62 -10.64 -40.50
N GLY B 17 14.77 -11.20 -40.18
CA GLY B 17 14.94 -12.64 -40.30
C GLY B 17 15.71 -13.28 -39.16
N GLY B 18 15.59 -14.60 -39.05
CA GLY B 18 16.31 -15.32 -38.01
C GLY B 18 15.62 -16.62 -37.65
N PHE B 19 16.30 -17.44 -36.84
CA PHE B 19 15.71 -18.70 -36.43
C PHE B 19 14.74 -18.49 -35.30
N LEU B 20 13.62 -19.20 -35.37
CA LEU B 20 12.61 -19.14 -34.33
C LEU B 20 13.00 -20.19 -33.31
N ALA B 21 13.84 -21.13 -33.75
CA ALA B 21 14.30 -22.23 -32.92
C ALA B 21 15.52 -22.92 -33.53
N ARG B 22 16.38 -23.45 -32.68
CA ARG B 22 17.58 -24.13 -33.14
C ARG B 22 17.67 -25.60 -32.69
N TYR B 23 17.56 -26.53 -33.63
CA TYR B 23 17.59 -27.95 -33.34
C TYR B 23 18.77 -28.45 -32.53
N ASP B 24 19.93 -27.85 -32.74
CA ASP B 24 21.14 -28.24 -32.02
C ASP B 24 21.08 -27.79 -30.56
N GLN B 25 20.23 -26.83 -30.26
CA GLN B 25 20.10 -26.33 -28.89
C GLN B 25 18.96 -26.94 -28.11
N SER B 26 19.25 -27.39 -26.89
CA SER B 26 18.22 -27.95 -26.03
C SER B 26 17.78 -26.82 -25.11
N PRO B 27 16.51 -26.43 -25.18
CA PRO B 27 15.90 -25.36 -24.39
C PRO B 27 16.11 -25.57 -22.89
N ASP B 28 15.68 -24.63 -22.05
CA ASP B 28 15.86 -24.80 -20.62
C ASP B 28 14.61 -25.35 -19.96
N GLU B 29 13.54 -25.38 -20.73
CA GLU B 29 12.26 -25.85 -20.24
C GLU B 29 11.69 -26.81 -21.28
N ALA B 30 11.09 -27.90 -20.81
CA ALA B 30 10.53 -28.89 -21.73
C ALA B 30 9.38 -28.31 -22.54
N ARG B 31 8.83 -27.16 -22.14
CA ARG B 31 7.73 -26.57 -22.93
C ARG B 31 8.34 -25.76 -24.10
N LEU B 32 9.69 -25.66 -24.18
CA LEU B 32 10.30 -24.92 -25.32
C LEU B 32 10.78 -25.92 -26.37
N LEU B 33 10.61 -27.20 -26.10
CA LEU B 33 11.03 -28.24 -27.03
C LEU B 33 10.30 -28.07 -28.37
N LEU B 34 11.07 -28.20 -29.45
CA LEU B 34 10.52 -28.03 -30.79
C LEU B 34 11.53 -28.60 -31.78
N PRO B 35 11.52 -29.92 -31.96
CA PRO B 35 12.43 -30.62 -32.86
C PRO B 35 11.97 -30.58 -34.32
N ARG B 36 12.89 -30.86 -35.23
CA ARG B 36 12.61 -30.84 -36.66
C ARG B 36 11.39 -31.67 -37.06
N ASP B 37 11.17 -32.80 -36.39
CA ASP B 37 10.03 -33.65 -36.72
C ASP B 37 8.70 -32.88 -36.60
N VAL B 38 8.52 -32.25 -35.44
CA VAL B 38 7.31 -31.49 -35.17
C VAL B 38 7.17 -30.31 -36.11
N VAL B 39 8.25 -29.52 -36.22
CA VAL B 39 8.23 -28.36 -37.10
C VAL B 39 7.80 -28.69 -38.53
N GLU B 40 8.44 -29.70 -39.14
CA GLU B 40 8.11 -30.06 -40.51
C GLU B 40 6.70 -30.61 -40.67
N HIS B 41 6.20 -31.32 -39.67
CA HIS B 41 4.84 -31.84 -39.75
C HIS B 41 3.89 -30.65 -39.71
N TRP B 42 4.11 -29.75 -38.75
CA TRP B 42 3.28 -28.56 -38.59
C TRP B 42 3.31 -27.69 -39.82
N LEU B 43 4.50 -27.51 -40.40
CA LEU B 43 4.59 -26.69 -41.60
C LEU B 43 3.70 -27.26 -42.69
N HIS B 44 3.82 -28.56 -42.93
CA HIS B 44 3.01 -29.24 -43.94
C HIS B 44 1.52 -29.20 -43.57
N ALA B 45 1.23 -28.94 -42.29
CA ALA B 45 -0.16 -28.85 -41.83
C ALA B 45 -0.76 -27.53 -42.31
N GLN B 46 -0.15 -26.41 -41.90
CA GLN B 46 -0.62 -25.09 -42.30
C GLN B 46 -0.25 -24.77 -43.74
N VAL B 55 -2.98 -17.33 -45.77
CA VAL B 55 -3.00 -16.62 -44.51
C VAL B 55 -1.65 -16.66 -43.80
N ALA B 56 -0.97 -15.50 -43.76
CA ALA B 56 0.35 -15.39 -43.14
C ALA B 56 0.29 -15.05 -41.64
N LEU B 57 1.29 -15.55 -40.90
CA LEU B 57 1.40 -15.32 -39.47
C LEU B 57 1.65 -13.86 -39.17
N PRO B 58 0.90 -13.30 -38.23
CA PRO B 58 1.16 -11.88 -37.92
C PRO B 58 2.52 -11.74 -37.24
N LEU B 59 3.06 -10.53 -37.28
CA LEU B 59 4.33 -10.23 -36.66
C LEU B 59 4.06 -9.11 -35.66
N ASN B 60 4.19 -9.41 -34.36
CA ASN B 60 3.94 -8.40 -33.33
C ASN B 60 5.11 -8.15 -32.38
N ILE B 61 4.95 -7.12 -31.55
CA ILE B 61 5.96 -6.76 -30.56
C ILE B 61 5.70 -7.50 -29.28
N ASN B 62 6.70 -8.23 -28.82
CA ASN B 62 6.60 -8.94 -27.57
C ASN B 62 5.24 -9.67 -27.32
N HIS B 63 4.74 -10.35 -28.35
CA HIS B 63 3.48 -11.11 -28.27
C HIS B 63 2.28 -10.27 -27.89
N ASP B 64 2.31 -9.01 -28.29
CA ASP B 64 1.22 -8.10 -27.97
C ASP B 64 0.21 -8.03 -29.12
N ASP B 65 -0.94 -8.65 -28.91
CA ASP B 65 -1.97 -8.67 -29.93
C ASP B 65 -2.42 -7.27 -30.41
N THR B 66 -2.06 -6.22 -29.67
CA THR B 66 -2.44 -4.86 -30.07
C THR B 66 -1.23 -4.18 -30.73
N ALA B 67 -0.09 -4.85 -30.66
CA ALA B 67 1.13 -4.31 -31.25
C ALA B 67 1.60 -5.13 -32.43
N VAL B 68 0.70 -5.41 -33.38
CA VAL B 68 1.04 -6.17 -34.57
C VAL B 68 1.66 -5.17 -35.54
N VAL B 69 2.88 -5.43 -36.00
CA VAL B 69 3.55 -4.51 -36.89
C VAL B 69 3.87 -5.03 -38.28
N GLY B 70 3.31 -6.18 -38.61
CA GLY B 70 3.56 -6.74 -39.94
C GLY B 70 3.10 -8.19 -40.09
N HIS B 71 3.93 -9.00 -40.73
CA HIS B 71 3.56 -10.40 -40.95
C HIS B 71 4.82 -11.20 -41.25
N VAL B 72 4.71 -12.51 -41.13
CA VAL B 72 5.84 -13.39 -41.45
C VAL B 72 5.64 -13.70 -42.92
N ALA B 73 6.70 -13.52 -43.70
CA ALA B 73 6.61 -13.74 -45.14
C ALA B 73 7.06 -15.13 -45.58
N ALA B 74 7.98 -15.73 -44.84
CA ALA B 74 8.46 -17.05 -45.18
C ALA B 74 8.84 -17.88 -43.95
N MET B 75 8.60 -19.17 -44.03
CA MET B 75 8.92 -20.10 -42.94
C MET B 75 9.59 -21.30 -43.57
N GLN B 76 10.71 -21.73 -43.00
CA GLN B 76 11.42 -22.86 -43.58
C GLN B 76 12.28 -23.60 -42.58
N SER B 77 12.12 -24.93 -42.55
CA SER B 77 12.92 -25.75 -41.65
C SER B 77 14.21 -26.05 -42.41
N VAL B 78 15.34 -25.76 -41.80
CA VAL B 78 16.59 -26.02 -42.47
C VAL B 78 17.44 -26.89 -41.57
N ARG B 79 18.59 -27.29 -42.07
CA ARG B 79 19.50 -28.13 -41.33
C ARG B 79 19.57 -27.81 -39.83
N ASP B 80 19.96 -26.59 -39.49
CA ASP B 80 20.14 -26.19 -38.08
C ASP B 80 18.92 -25.73 -37.28
N GLY B 81 17.77 -25.53 -37.92
CA GLY B 81 16.62 -25.08 -37.15
C GLY B 81 15.51 -24.53 -38.00
N LEU B 82 14.55 -23.87 -37.36
CA LEU B 82 13.43 -23.28 -38.07
C LEU B 82 13.77 -21.82 -38.34
N PHE B 83 13.79 -21.44 -39.60
CA PHE B 83 14.12 -20.08 -39.99
C PHE B 83 12.87 -19.37 -40.51
N CYS B 84 12.71 -18.11 -40.17
CA CYS B 84 11.53 -17.38 -40.66
C CYS B 84 11.91 -16.02 -41.21
N LEU B 85 11.25 -15.62 -42.30
CA LEU B 85 11.51 -14.33 -42.91
C LEU B 85 10.26 -13.51 -42.66
N GLY B 86 10.43 -12.30 -42.12
CA GLY B 86 9.30 -11.44 -41.83
C GLY B 86 9.45 -10.01 -42.33
N CYS B 87 8.34 -9.26 -42.32
CA CYS B 87 8.39 -7.89 -42.80
C CYS B 87 7.54 -6.92 -42.00
N VAL B 88 8.19 -5.91 -41.44
CA VAL B 88 7.54 -4.88 -40.67
C VAL B 88 6.99 -3.88 -41.67
N THR B 89 5.68 -3.74 -41.70
CA THR B 89 5.04 -2.86 -42.65
C THR B 89 4.22 -1.71 -42.06
N SER B 90 3.70 -1.90 -40.87
CA SER B 90 2.88 -0.87 -40.21
C SER B 90 3.44 0.55 -40.26
N PRO B 91 2.80 1.44 -41.03
CA PRO B 91 3.32 2.81 -41.10
C PRO B 91 3.37 3.49 -39.74
N ARG B 92 2.36 3.23 -38.89
CA ARG B 92 2.32 3.85 -37.56
C ARG B 92 3.51 3.44 -36.69
N PHE B 93 3.79 2.15 -36.64
CA PHE B 93 4.91 1.65 -35.85
C PHE B 93 6.25 2.16 -36.39
N LEU B 94 6.41 2.11 -37.70
CA LEU B 94 7.66 2.57 -38.32
C LEU B 94 7.93 4.02 -38.00
N GLU B 95 6.88 4.83 -37.97
CA GLU B 95 7.00 6.26 -37.69
C GLU B 95 7.43 6.48 -36.25
N ILE B 96 6.88 5.68 -35.34
CA ILE B 96 7.21 5.82 -33.94
C ILE B 96 8.69 5.55 -33.81
N VAL B 97 9.11 4.45 -34.41
CA VAL B 97 10.51 4.04 -34.42
C VAL B 97 11.39 5.15 -35.02
N ARG B 98 10.97 5.71 -36.15
CA ARG B 98 11.74 6.78 -36.77
C ARG B 98 11.95 7.92 -35.77
N ARG B 99 10.88 8.36 -35.12
CA ARG B 99 11.00 9.44 -34.16
C ARG B 99 12.02 9.10 -33.06
N ALA B 100 11.89 7.92 -32.46
CA ALA B 100 12.81 7.54 -31.39
C ALA B 100 14.27 7.40 -31.84
N SER B 101 14.47 6.85 -33.03
CA SER B 101 15.81 6.66 -33.55
C SER B 101 16.59 7.97 -33.61
N GLU B 102 15.89 9.09 -33.76
CA GLU B 102 16.58 10.38 -33.78
C GLU B 102 17.06 10.72 -32.36
N LYS B 103 16.45 10.10 -31.35
CA LYS B 103 16.81 10.34 -29.96
C LYS B 103 17.63 9.24 -29.31
N SER B 104 18.32 8.44 -30.13
CA SER B 104 19.13 7.37 -29.59
C SER B 104 20.59 7.60 -29.89
N GLU B 105 21.38 7.82 -28.86
CA GLU B 105 22.80 8.04 -29.07
C GLU B 105 23.40 6.74 -29.63
N LEU B 106 22.74 5.61 -29.36
CA LEU B 106 23.19 4.32 -29.87
C LEU B 106 23.04 4.33 -31.38
N VAL B 107 21.91 4.83 -31.85
CA VAL B 107 21.64 4.90 -33.27
C VAL B 107 22.55 5.95 -33.92
N SER B 108 22.92 6.96 -33.14
CA SER B 108 23.78 8.04 -33.62
C SER B 108 25.24 7.61 -33.82
N ARG B 109 25.65 6.55 -33.12
CA ARG B 109 27.02 6.10 -33.27
C ARG B 109 27.22 5.45 -34.62
N GLY B 110 26.11 5.10 -35.29
CA GLY B 110 26.18 4.52 -36.61
C GLY B 110 26.51 3.04 -36.75
N PRO B 111 26.39 2.49 -37.98
CA PRO B 111 26.66 1.08 -38.26
C PRO B 111 28.11 0.76 -38.47
N VAL B 112 28.38 -0.53 -38.54
CA VAL B 112 29.72 -1.04 -38.72
C VAL B 112 30.34 -0.86 -40.10
N SER B 113 31.57 -1.33 -40.20
CA SER B 113 32.41 -1.27 -41.40
C SER B 113 31.91 -0.49 -42.62
N PRO B 114 31.39 -1.16 -43.67
CA PRO B 114 30.95 -0.35 -44.82
C PRO B 114 29.45 -0.18 -44.97
N LEU B 115 28.69 -0.60 -43.97
CA LEU B 115 27.25 -0.47 -44.04
C LEU B 115 26.89 1.00 -43.92
N GLN B 116 25.81 1.41 -44.58
CA GLN B 116 25.39 2.80 -44.50
C GLN B 116 24.41 2.96 -43.34
N PRO B 117 24.48 4.09 -42.63
CA PRO B 117 23.56 4.27 -41.51
C PRO B 117 22.10 4.18 -41.93
N ASP B 118 21.31 3.53 -41.08
CA ASP B 118 19.88 3.37 -41.28
C ASP B 118 19.30 3.46 -39.88
N LYS B 119 19.19 4.69 -39.39
CA LYS B 119 18.68 4.96 -38.06
C LYS B 119 17.55 4.05 -37.60
N VAL B 120 16.57 3.85 -38.47
CA VAL B 120 15.44 2.99 -38.15
C VAL B 120 15.77 1.50 -38.08
N VAL B 121 16.39 0.95 -39.12
CA VAL B 121 16.75 -0.46 -39.09
C VAL B 121 17.63 -0.70 -37.86
N GLU B 122 18.51 0.25 -37.59
CA GLU B 122 19.42 0.17 -36.45
C GLU B 122 18.68 0.20 -35.09
N PHE B 123 17.61 1.00 -35.00
CA PHE B 123 16.86 1.11 -33.76
C PHE B 123 16.10 -0.19 -33.47
N LEU B 124 15.43 -0.72 -34.48
CA LEU B 124 14.71 -1.96 -34.30
C LEU B 124 15.73 -2.99 -33.88
N SER B 125 16.90 -2.92 -34.48
CA SER B 125 17.96 -3.87 -34.14
C SER B 125 18.20 -3.86 -32.65
N GLY B 126 18.50 -2.68 -32.12
CA GLY B 126 18.78 -2.52 -30.70
C GLY B 126 17.68 -2.77 -29.68
N SER B 127 16.42 -2.55 -30.04
CA SER B 127 15.33 -2.75 -29.10
C SER B 127 14.75 -4.14 -29.12
N TYR B 128 14.52 -4.65 -30.31
CA TYR B 128 13.96 -5.98 -30.47
C TYR B 128 15.02 -6.86 -31.11
N ALA B 129 16.07 -7.14 -30.33
CA ALA B 129 17.21 -7.94 -30.78
C ALA B 129 16.89 -9.42 -30.88
N GLY B 130 15.64 -9.77 -30.56
CA GLY B 130 15.28 -11.17 -30.62
C GLY B 130 13.96 -11.52 -31.28
N LEU B 131 13.82 -12.80 -31.55
CA LEU B 131 12.63 -13.34 -32.15
C LEU B 131 12.02 -14.35 -31.17
N SER B 132 10.70 -14.36 -31.05
CA SER B 132 10.03 -15.30 -30.16
C SER B 132 8.75 -15.86 -30.79
N LEU B 133 8.78 -17.14 -31.14
CA LEU B 133 7.64 -17.80 -31.75
C LEU B 133 6.51 -18.01 -30.77
N SER B 134 5.32 -18.22 -31.31
CA SER B 134 4.12 -18.49 -30.52
C SER B 134 3.41 -19.63 -31.23
N SER B 135 3.61 -20.83 -30.70
CA SER B 135 3.01 -22.03 -31.26
C SER B 135 2.23 -22.75 -30.20
N ARG B 136 1.51 -23.81 -30.59
CA ARG B 136 0.71 -24.55 -29.64
C ARG B 136 1.61 -25.30 -28.65
N ARG B 137 1.09 -25.50 -27.45
CA ARG B 137 1.83 -26.20 -26.43
C ARG B 137 1.86 -27.67 -26.81
N CYS B 138 3.05 -28.19 -27.10
CA CYS B 138 3.23 -29.60 -27.50
C CYS B 138 2.64 -30.60 -26.52
N ASP B 139 2.38 -30.18 -25.29
CA ASP B 139 1.84 -31.07 -24.28
C ASP B 139 1.23 -30.29 -23.12
N GLU B 151 -7.19 -26.61 -34.99
CA GLU B 151 -6.68 -27.98 -35.05
C GLU B 151 -5.35 -28.04 -35.80
N THR B 152 -5.32 -27.47 -36.99
CA THR B 152 -4.12 -27.48 -37.82
C THR B 152 -3.48 -26.09 -38.03
N THR B 153 -3.48 -25.27 -36.99
CA THR B 153 -2.86 -23.95 -37.05
C THR B 153 -1.84 -23.89 -35.93
N PRO B 154 -0.88 -24.82 -35.92
CA PRO B 154 0.17 -24.91 -34.92
C PRO B 154 0.78 -23.56 -34.55
N PHE B 155 1.33 -22.88 -35.54
CA PHE B 155 1.96 -21.58 -35.33
C PHE B 155 0.89 -20.50 -35.18
N LYS B 156 1.13 -19.52 -34.32
CA LYS B 156 0.18 -18.43 -34.11
C LYS B 156 0.72 -17.11 -34.63
N HIS B 157 1.97 -16.83 -34.27
CA HIS B 157 2.62 -15.61 -34.70
C HIS B 157 4.06 -15.59 -34.26
N VAL B 158 4.79 -14.59 -34.75
CA VAL B 158 6.18 -14.43 -34.39
C VAL B 158 6.28 -13.08 -33.72
N ALA B 159 7.08 -12.99 -32.68
CA ALA B 159 7.20 -11.75 -31.96
C ALA B 159 8.61 -11.19 -31.88
N LEU B 160 8.74 -9.90 -32.17
CA LEU B 160 10.03 -9.23 -32.06
C LEU B 160 10.10 -8.97 -30.57
N CYS B 161 11.28 -9.11 -29.97
CA CYS B 161 11.43 -8.91 -28.53
C CYS B 161 12.88 -8.63 -28.20
N SER B 162 13.14 -8.22 -26.97
CA SER B 162 14.51 -7.91 -26.57
C SER B 162 15.40 -9.15 -26.51
N VAL B 163 14.78 -10.32 -26.35
CA VAL B 163 15.49 -11.60 -26.27
C VAL B 163 14.49 -12.74 -26.15
N GLY B 164 14.54 -13.68 -27.09
CA GLY B 164 13.62 -14.81 -27.04
C GLY B 164 14.10 -15.79 -26.00
N ARG B 165 13.20 -16.69 -25.57
CA ARG B 165 13.55 -17.71 -24.59
C ARG B 165 14.33 -18.83 -25.23
N ARG B 166 14.17 -19.00 -26.54
CA ARG B 166 14.90 -20.03 -27.26
C ARG B 166 16.20 -19.39 -27.76
N ARG B 167 17.33 -20.06 -27.55
CA ARG B 167 18.64 -19.56 -27.96
C ARG B 167 18.86 -19.63 -29.46
N GLY B 168 19.80 -18.82 -29.95
CA GLY B 168 20.09 -18.79 -31.37
C GLY B 168 19.07 -17.95 -32.13
N THR B 169 18.13 -17.36 -31.40
CA THR B 169 17.07 -16.57 -32.00
C THR B 169 17.37 -15.12 -32.30
N LEU B 170 18.63 -14.80 -32.59
CA LEU B 170 19.00 -13.41 -32.89
C LEU B 170 18.17 -12.88 -34.07
N ALA B 171 17.84 -11.60 -34.04
CA ALA B 171 17.04 -11.00 -35.12
C ALA B 171 17.85 -10.01 -35.96
N VAL B 172 17.92 -10.28 -37.26
CA VAL B 172 18.65 -9.44 -38.20
C VAL B 172 17.65 -8.63 -39.02
N TYR B 173 17.70 -7.32 -38.88
CA TYR B 173 16.81 -6.43 -39.61
C TYR B 173 17.54 -5.97 -40.86
N GLY B 174 16.78 -5.68 -41.92
CA GLY B 174 17.41 -5.23 -43.14
C GLY B 174 16.37 -4.61 -44.06
N ARG B 175 16.83 -3.86 -45.07
CA ARG B 175 15.91 -3.24 -46.00
C ARG B 175 15.54 -4.18 -47.13
N ASP B 176 16.27 -5.28 -47.27
CA ASP B 176 15.99 -6.24 -48.32
C ASP B 176 16.04 -7.69 -47.84
N PRO B 177 15.08 -8.51 -48.30
CA PRO B 177 15.01 -9.92 -47.91
C PRO B 177 16.29 -10.72 -48.22
N GLU B 178 16.76 -10.63 -49.46
CA GLU B 178 17.97 -11.35 -49.84
C GLU B 178 19.07 -11.00 -48.85
N TRP B 179 19.34 -9.71 -48.73
CA TRP B 179 20.39 -9.23 -47.83
C TRP B 179 20.26 -9.78 -46.42
N VAL B 180 19.03 -9.94 -45.95
CA VAL B 180 18.82 -10.48 -44.62
C VAL B 180 19.19 -11.97 -44.55
N THR B 181 18.55 -12.78 -45.37
CA THR B 181 18.84 -14.21 -45.37
C THR B 181 20.31 -14.44 -45.60
N GLN B 182 20.93 -13.52 -46.32
CA GLN B 182 22.35 -13.63 -46.63
C GLN B 182 23.26 -13.33 -45.43
N ARG B 183 22.67 -13.03 -44.28
CA ARG B 183 23.45 -12.74 -43.05
C ARG B 183 23.79 -14.00 -42.26
N PHE B 184 23.09 -15.09 -42.53
CA PHE B 184 23.30 -16.36 -41.84
C PHE B 184 24.12 -17.38 -42.65
N PRO B 185 25.36 -17.67 -42.21
CA PRO B 185 26.23 -18.63 -42.88
C PRO B 185 25.66 -20.04 -43.03
N ASP B 186 24.82 -20.44 -42.07
CA ASP B 186 24.21 -21.78 -42.11
C ASP B 186 23.41 -21.97 -43.38
N LEU B 187 22.53 -21.01 -43.63
CA LEU B 187 21.67 -21.09 -44.79
C LEU B 187 22.43 -21.39 -46.07
N THR B 188 21.93 -22.37 -46.79
CA THR B 188 22.52 -22.79 -48.05
C THR B 188 21.70 -22.13 -49.15
N ALA B 189 22.35 -21.85 -50.26
CA ALA B 189 21.66 -21.23 -51.39
C ALA B 189 20.29 -21.89 -51.63
N ALA B 190 20.21 -23.19 -51.41
CA ALA B 190 18.97 -23.93 -51.61
C ALA B 190 17.86 -23.48 -50.65
N ASP B 191 18.24 -23.17 -49.41
CA ASP B 191 17.33 -22.69 -48.38
C ASP B 191 16.76 -21.33 -48.78
N ARG B 192 17.63 -20.46 -49.29
CA ARG B 192 17.22 -19.14 -49.70
C ARG B 192 16.16 -19.25 -50.80
N ASP B 193 16.24 -20.32 -51.58
CA ASP B 193 15.28 -20.55 -52.66
C ASP B 193 13.90 -20.91 -52.13
N GLY B 194 13.87 -21.67 -51.05
CA GLY B 194 12.61 -22.05 -50.45
C GLY B 194 11.98 -20.79 -49.90
N LEU B 195 12.77 -20.04 -49.15
CA LEU B 195 12.32 -18.79 -48.57
C LEU B 195 11.88 -17.83 -49.68
N ARG B 196 12.77 -17.54 -50.62
CA ARG B 196 12.46 -16.63 -51.71
C ARG B 196 11.18 -17.02 -52.42
N ALA B 197 10.99 -18.31 -52.64
CA ALA B 197 9.77 -18.77 -53.29
C ALA B 197 8.63 -18.23 -52.46
N GLN B 198 8.76 -18.39 -51.14
CA GLN B 198 7.73 -17.93 -50.23
C GLN B 198 7.51 -16.42 -50.25
N TRP B 199 8.45 -15.67 -49.67
CA TRP B 199 8.33 -14.22 -49.58
C TRP B 199 7.97 -13.48 -50.87
N GLN B 200 8.23 -14.09 -52.02
CA GLN B 200 7.90 -13.44 -53.28
C GLN B 200 6.42 -13.59 -53.59
N ARG B 201 5.90 -14.79 -53.36
CA ARG B 201 4.49 -15.10 -53.62
C ARG B 201 3.61 -14.41 -52.59
N CYS B 202 4.17 -14.17 -51.41
CA CYS B 202 3.44 -13.52 -50.35
C CYS B 202 3.03 -12.12 -50.82
N GLY B 203 4.03 -11.32 -51.19
CA GLY B 203 3.78 -9.97 -51.65
C GLY B 203 3.79 -8.96 -50.51
N GLY B 211 -5.06 -2.63 -43.75
CA GLY B 211 -4.35 -1.39 -43.49
C GLY B 211 -3.29 -1.52 -42.39
N ASP B 212 -3.33 -0.63 -41.41
CA ASP B 212 -2.36 -0.68 -40.32
C ASP B 212 -2.90 -1.52 -39.16
N PRO B 213 -2.33 -2.71 -38.97
CA PRO B 213 -2.72 -3.64 -37.90
C PRO B 213 -2.34 -3.19 -36.51
N PHE B 214 -1.46 -2.20 -36.42
CA PHE B 214 -0.98 -1.70 -35.14
C PHE B 214 -2.08 -1.01 -34.33
N ARG B 215 -2.25 -1.42 -33.07
CA ARG B 215 -3.27 -0.83 -32.19
C ARG B 215 -2.65 -0.40 -30.87
N SER B 216 -1.42 0.10 -30.96
CA SER B 216 -0.68 0.58 -29.80
C SER B 216 -0.11 1.96 -30.11
N ASP B 217 0.86 2.40 -29.31
CA ASP B 217 1.50 3.71 -29.49
C ASP B 217 2.85 3.74 -28.79
N SER B 218 3.48 4.92 -28.79
CA SER B 218 4.80 5.09 -28.17
C SER B 218 4.80 4.84 -26.66
N TYR B 219 3.73 5.22 -25.97
CA TYR B 219 3.64 5.00 -24.54
C TYR B 219 3.77 3.51 -24.26
N GLY B 220 3.14 2.70 -25.11
CA GLY B 220 3.20 1.26 -24.96
C GLY B 220 4.62 0.74 -25.07
N LEU B 221 5.25 1.07 -26.19
CA LEU B 221 6.62 0.66 -26.43
C LEU B 221 7.51 1.07 -25.27
N LEU B 222 7.38 2.33 -24.85
CA LEU B 222 8.18 2.85 -23.74
C LEU B 222 7.92 1.99 -22.52
N GLY B 223 6.66 1.79 -22.17
CA GLY B 223 6.34 0.98 -21.01
C GLY B 223 6.93 -0.40 -21.18
N ASN B 224 6.82 -0.91 -22.40
CA ASN B 224 7.34 -2.23 -22.74
C ASN B 224 8.87 -2.26 -22.64
N SER B 225 9.50 -1.10 -22.80
CA SER B 225 10.95 -1.00 -22.76
C SER B 225 11.53 -1.19 -21.37
N VAL B 226 10.84 -0.68 -20.35
CA VAL B 226 11.34 -0.82 -18.99
C VAL B 226 11.31 -2.31 -18.63
N ASP B 227 10.29 -3.01 -19.14
CA ASP B 227 10.16 -4.43 -18.88
C ASP B 227 11.43 -5.13 -19.33
N ALA B 228 12.02 -4.67 -20.42
CA ALA B 228 13.23 -5.32 -20.92
C ALA B 228 14.49 -5.00 -20.13
N LEU B 229 14.50 -3.88 -19.42
CA LEU B 229 15.67 -3.50 -18.62
C LEU B 229 15.90 -4.46 -17.47
N TYR B 230 14.89 -5.27 -17.19
CA TYR B 230 14.98 -6.22 -16.08
C TYR B 230 14.99 -7.70 -16.42
N ILE B 231 15.35 -8.02 -17.65
CA ILE B 231 15.44 -9.41 -18.06
C ILE B 231 16.88 -9.77 -17.71
N ARG B 232 17.07 -10.79 -16.88
CA ARG B 232 18.40 -11.19 -16.48
C ARG B 232 19.25 -11.70 -17.64
N GLU B 233 20.48 -11.22 -17.69
CA GLU B 233 21.44 -11.64 -18.71
C GLU B 233 21.10 -11.40 -20.17
N ARG B 234 20.35 -10.33 -20.43
CA ARG B 234 19.94 -9.99 -21.78
C ARG B 234 21.10 -9.97 -22.80
N LEU B 235 22.17 -9.24 -22.51
CA LEU B 235 23.32 -9.15 -23.41
C LEU B 235 24.07 -10.45 -23.57
N PRO B 236 24.25 -11.20 -22.48
CA PRO B 236 24.99 -12.47 -22.61
C PRO B 236 24.27 -13.43 -23.56
N LYS B 237 22.97 -13.57 -23.37
CA LYS B 237 22.17 -14.46 -24.20
C LYS B 237 22.21 -14.03 -25.66
N LEU B 238 22.26 -12.72 -25.87
CA LEU B 238 22.31 -12.17 -27.23
C LEU B 238 23.69 -12.35 -27.86
N ARG B 239 24.75 -12.20 -27.08
CA ARG B 239 26.09 -12.38 -27.62
C ARG B 239 26.20 -13.84 -27.99
N TYR B 240 25.57 -14.68 -27.19
CA TYR B 240 25.58 -16.12 -27.44
C TYR B 240 24.81 -16.43 -28.70
N ASP B 241 23.62 -15.85 -28.81
CA ASP B 241 22.81 -16.09 -29.98
C ASP B 241 23.50 -15.59 -31.24
N LYS B 242 24.27 -14.51 -31.10
CA LYS B 242 24.97 -13.95 -32.24
C LYS B 242 26.12 -14.85 -32.67
N GLN B 243 26.84 -15.41 -31.71
CA GLN B 243 27.96 -16.29 -32.02
C GLN B 243 27.51 -17.63 -32.60
N LEU B 244 26.45 -18.19 -32.03
CA LEU B 244 25.91 -19.48 -32.45
C LEU B 244 25.37 -19.49 -33.86
N VAL B 245 24.66 -18.43 -34.23
CA VAL B 245 24.07 -18.36 -35.54
C VAL B 245 24.97 -17.75 -36.63
N GLY B 246 26.22 -17.47 -36.27
CA GLY B 246 27.18 -16.92 -37.21
C GLY B 246 27.04 -15.49 -37.70
N VAL B 247 26.11 -14.74 -37.13
CA VAL B 247 25.91 -13.34 -37.52
C VAL B 247 27.02 -12.51 -36.88
N THR B 248 27.81 -13.18 -36.06
CA THR B 248 28.96 -12.58 -35.40
C THR B 248 30.02 -12.45 -36.48
N GLU B 249 30.01 -13.43 -37.40
CA GLU B 249 30.94 -13.55 -38.51
C GLU B 249 30.79 -12.47 -39.59
N ARG B 250 29.54 -12.16 -39.94
CA ARG B 250 29.28 -11.16 -40.99
C ARG B 250 29.11 -9.74 -40.47
N GLU B 251 28.57 -8.87 -41.31
CA GLU B 251 28.33 -7.49 -40.90
C GLU B 251 26.85 -7.20 -40.98
N SER B 252 26.35 -6.49 -39.99
CA SER B 252 24.94 -6.18 -39.96
C SER B 252 24.68 -5.01 -39.06
N TYR B 253 23.39 -4.72 -38.87
CA TYR B 253 22.97 -3.61 -38.04
C TYR B 253 22.69 -4.10 -36.64
N VAL B 254 22.93 -5.38 -36.41
CA VAL B 254 22.74 -5.96 -35.09
C VAL B 254 23.56 -5.10 -34.14
N LYS B 255 22.96 -4.71 -33.01
CA LYS B 255 23.63 -3.87 -32.01
C LYS B 255 24.16 -4.68 -30.83
N ALA B 256 23.65 -5.89 -30.66
CA ALA B 256 24.11 -6.74 -29.56
C ALA B 256 25.58 -7.06 -29.79
N GLN C 6 -37.66 -12.99 32.40
CA GLN C 6 -36.29 -13.55 32.22
C GLN C 6 -35.63 -12.82 31.05
N GLN C 7 -35.36 -13.53 29.96
CA GLN C 7 -34.74 -12.90 28.80
C GLN C 7 -35.76 -11.92 28.24
N SER C 8 -37.00 -12.38 28.15
CA SER C 8 -38.11 -11.60 27.63
C SER C 8 -38.16 -10.19 28.21
N GLN C 9 -38.10 -10.08 29.54
CA GLN C 9 -38.15 -8.76 30.15
C GLN C 9 -36.92 -7.94 29.84
N ALA C 10 -35.77 -8.58 29.75
CA ALA C 10 -34.52 -7.88 29.46
C ALA C 10 -34.53 -7.23 28.06
N VAL C 11 -35.36 -7.76 27.17
CA VAL C 11 -35.43 -7.23 25.81
C VAL C 11 -36.67 -6.34 25.63
N ALA C 12 -37.20 -5.85 26.74
CA ALA C 12 -38.35 -4.96 26.73
C ALA C 12 -37.84 -3.56 26.39
N PRO C 13 -38.74 -2.66 25.96
CA PRO C 13 -38.34 -1.29 25.60
C PRO C 13 -37.41 -0.67 26.64
N VAL C 14 -36.44 0.13 26.20
CA VAL C 14 -35.54 0.82 27.13
C VAL C 14 -35.58 2.33 26.89
N TYR C 15 -35.82 3.10 27.95
CA TYR C 15 -35.88 4.56 27.83
C TYR C 15 -34.54 5.21 28.07
N VAL C 16 -34.32 6.29 27.35
CA VAL C 16 -33.09 7.05 27.44
C VAL C 16 -33.42 8.55 27.33
N GLY C 17 -32.87 9.32 28.26
CA GLY C 17 -33.11 10.75 28.24
C GLY C 17 -31.82 11.50 28.49
N GLY C 18 -31.87 12.81 28.32
CA GLY C 18 -30.70 13.64 28.55
C GLY C 18 -30.82 14.92 27.79
N PHE C 19 -29.82 15.77 27.90
CA PHE C 19 -29.86 17.02 27.17
C PHE C 19 -29.24 16.85 25.79
N LEU C 20 -29.90 17.40 24.78
CA LEU C 20 -29.40 17.35 23.42
C LEU C 20 -28.46 18.54 23.30
N ALA C 21 -28.72 19.55 24.12
CA ALA C 21 -27.90 20.74 24.12
C ALA C 21 -28.10 21.54 25.40
N ARG C 22 -27.03 22.15 25.88
CA ARG C 22 -27.07 22.94 27.08
C ARG C 22 -26.84 24.41 26.72
N TYR C 23 -27.79 25.28 27.07
CA TYR C 23 -27.69 26.70 26.75
C TYR C 23 -26.53 27.43 27.43
N ASP C 24 -26.21 27.05 28.67
CA ASP C 24 -25.11 27.71 29.39
C ASP C 24 -23.74 27.28 28.89
N GLN C 25 -23.71 26.41 27.88
CA GLN C 25 -22.46 25.91 27.34
C GLN C 25 -22.15 26.44 25.94
N SER C 26 -20.97 27.04 25.80
CA SER C 26 -20.49 27.57 24.53
C SER C 26 -19.82 26.42 23.79
N PRO C 27 -20.34 26.05 22.60
CA PRO C 27 -19.78 24.95 21.81
C PRO C 27 -18.30 25.17 21.55
N ASP C 28 -17.58 24.12 21.21
CA ASP C 28 -16.16 24.28 20.93
C ASP C 28 -15.97 24.73 19.48
N GLU C 29 -17.04 24.56 18.69
CA GLU C 29 -17.04 24.93 17.29
C GLU C 29 -18.26 25.80 17.06
N ALA C 30 -18.17 26.68 16.06
CA ALA C 30 -19.28 27.58 15.76
C ALA C 30 -20.54 26.92 15.24
N ARG C 31 -20.41 25.82 14.51
CA ARG C 31 -21.59 25.17 13.97
C ARG C 31 -22.41 24.36 14.97
N LEU C 32 -21.89 24.21 16.18
CA LEU C 32 -22.58 23.47 17.21
C LEU C 32 -23.45 24.40 18.01
N LEU C 33 -23.51 25.66 17.58
CA LEU C 33 -24.33 26.66 18.23
C LEU C 33 -25.79 26.24 18.10
N LEU C 34 -26.57 26.46 19.15
CA LEU C 34 -27.98 26.08 19.15
C LEU C 34 -28.58 26.73 20.36
N PRO C 35 -28.87 28.03 20.27
CA PRO C 35 -29.45 28.81 21.36
C PRO C 35 -30.94 28.56 21.57
N ARG C 36 -31.39 28.86 22.78
CA ARG C 36 -32.77 28.67 23.16
C ARG C 36 -33.82 29.27 22.23
N ASP C 37 -33.52 30.43 21.65
CA ASP C 37 -34.49 31.08 20.76
C ASP C 37 -34.62 30.35 19.42
N VAL C 38 -33.59 29.60 19.05
CA VAL C 38 -33.65 28.85 17.81
C VAL C 38 -34.34 27.54 18.11
N VAL C 39 -33.98 26.91 19.22
CA VAL C 39 -34.59 25.64 19.62
C VAL C 39 -36.11 25.81 19.72
N GLU C 40 -36.54 26.67 20.63
CA GLU C 40 -37.96 26.92 20.84
C GLU C 40 -38.63 27.28 19.52
N HIS C 41 -37.94 28.07 18.69
CA HIS C 41 -38.48 28.46 17.40
C HIS C 41 -38.71 27.18 16.59
N TRP C 42 -37.65 26.40 16.40
CA TRP C 42 -37.74 25.14 15.67
C TRP C 42 -38.78 24.22 16.26
N LEU C 43 -38.66 23.92 17.55
CA LEU C 43 -39.60 23.04 18.21
C LEU C 43 -41.03 23.41 17.84
N HIS C 44 -41.36 24.69 17.99
CA HIS C 44 -42.69 25.18 17.68
C HIS C 44 -43.07 24.90 16.23
N ALA C 45 -42.08 24.78 15.35
CA ALA C 45 -42.34 24.51 13.94
C ALA C 45 -42.42 23.00 13.71
N GLN C 46 -41.37 22.31 14.10
CA GLN C 46 -41.27 20.85 13.96
C GLN C 46 -42.50 20.19 14.58
N VAL C 55 -44.81 10.29 13.46
CA VAL C 55 -44.31 11.64 13.24
C VAL C 55 -43.07 11.93 14.11
N ALA C 56 -42.71 10.98 14.98
CA ALA C 56 -41.57 11.13 15.88
C ALA C 56 -40.21 10.93 15.21
N LEU C 57 -39.21 11.66 15.70
CA LEU C 57 -37.85 11.59 15.20
C LEU C 57 -37.22 10.23 15.43
N PRO C 58 -36.49 9.71 14.42
CA PRO C 58 -35.82 8.41 14.54
C PRO C 58 -34.75 8.46 15.61
N LEU C 59 -34.41 7.30 16.16
CA LEU C 59 -33.37 7.23 17.17
C LEU C 59 -32.41 6.15 16.69
N ASN C 60 -31.22 6.56 16.28
CA ASN C 60 -30.25 5.60 15.78
C ASN C 60 -28.94 5.57 16.54
N ILE C 61 -28.08 4.66 16.10
CA ILE C 61 -26.76 4.45 16.68
C ILE C 61 -25.72 5.21 15.85
N ASN C 62 -25.10 6.18 16.51
CA ASN C 62 -24.05 7.00 15.93
C ASN C 62 -24.33 7.57 14.54
N HIS C 63 -25.55 8.08 14.34
CA HIS C 63 -25.99 8.71 13.10
C HIS C 63 -25.99 7.84 11.85
N ASP C 64 -26.18 6.54 12.04
CA ASP C 64 -26.23 5.59 10.94
C ASP C 64 -27.66 5.21 10.62
N ASP C 65 -28.11 5.54 9.42
CA ASP C 65 -29.50 5.25 9.04
C ASP C 65 -29.89 3.77 9.01
N THR C 66 -28.91 2.87 9.15
CA THR C 66 -29.20 1.45 9.14
C THR C 66 -29.19 0.95 10.58
N ALA C 67 -28.91 1.88 11.50
CA ALA C 67 -28.86 1.55 12.91
C ALA C 67 -29.96 2.26 13.67
N VAL C 68 -31.19 2.22 13.13
CA VAL C 68 -32.34 2.83 13.77
C VAL C 68 -32.82 1.86 14.84
N VAL C 69 -32.74 2.28 16.10
CA VAL C 69 -33.10 1.43 17.22
C VAL C 69 -34.39 1.83 17.95
N GLY C 70 -34.89 3.03 17.65
CA GLY C 70 -36.10 3.47 18.31
C GLY C 70 -36.50 4.86 17.88
N HIS C 71 -37.33 5.52 18.68
CA HIS C 71 -37.80 6.86 18.35
C HIS C 71 -37.75 7.82 19.54
N VAL C 72 -37.67 9.11 19.25
CA VAL C 72 -37.66 10.11 20.29
C VAL C 72 -39.11 10.25 20.72
N ALA C 73 -39.35 10.12 22.02
CA ALA C 73 -40.70 10.18 22.57
C ALA C 73 -41.09 11.56 23.10
N ALA C 74 -40.10 12.36 23.49
CA ALA C 74 -40.38 13.70 24.00
C ALA C 74 -39.22 14.64 23.82
N MET C 75 -39.55 15.91 23.54
CA MET C 75 -38.55 16.95 23.38
C MET C 75 -39.07 18.21 24.01
N GLN C 76 -38.31 18.76 24.94
CA GLN C 76 -38.72 19.96 25.64
C GLN C 76 -37.56 20.91 25.93
N SER C 77 -37.78 22.19 25.65
CA SER C 77 -36.78 23.23 25.90
C SER C 77 -36.97 23.67 27.36
N VAL C 78 -35.93 23.53 28.16
CA VAL C 78 -36.05 23.93 29.55
C VAL C 78 -35.05 25.03 29.85
N ARG C 79 -35.05 25.47 31.09
CA ARG C 79 -34.15 26.51 31.54
C ARG C 79 -32.68 26.30 31.16
N ASP C 80 -32.17 25.10 31.35
CA ASP C 80 -30.77 24.83 31.07
C ASP C 80 -30.42 24.24 29.70
N GLY C 81 -31.43 23.96 28.87
CA GLY C 81 -31.15 23.40 27.57
C GLY C 81 -32.29 22.64 26.95
N LEU C 82 -32.00 21.93 25.86
CA LEU C 82 -32.99 21.14 25.16
C LEU C 82 -32.91 19.71 25.64
N PHE C 83 -33.80 19.32 26.54
CA PHE C 83 -33.82 17.97 27.06
C PHE C 83 -34.72 17.15 26.14
N CYS C 84 -34.45 15.86 26.01
CA CYS C 84 -35.28 15.01 25.16
C CYS C 84 -35.40 13.59 25.71
N LEU C 85 -36.55 12.97 25.49
CA LEU C 85 -36.78 11.59 25.95
C LEU C 85 -36.96 10.68 24.74
N GLY C 86 -36.24 9.56 24.75
CA GLY C 86 -36.31 8.61 23.64
C GLY C 86 -36.57 7.20 24.10
N CYS C 87 -36.91 6.33 23.17
CA CYS C 87 -37.22 4.95 23.53
C CYS C 87 -36.63 3.92 22.56
N VAL C 88 -35.82 3.02 23.11
CA VAL C 88 -35.20 1.96 22.34
C VAL C 88 -36.21 0.82 22.25
N THR C 89 -36.70 0.56 21.04
CA THR C 89 -37.70 -0.48 20.87
C THR C 89 -37.28 -1.61 19.94
N SER C 90 -36.17 -1.45 19.24
CA SER C 90 -35.74 -2.48 18.31
C SER C 90 -35.43 -3.83 18.95
N PRO C 91 -36.20 -4.86 18.58
CA PRO C 91 -35.98 -6.19 19.12
C PRO C 91 -34.56 -6.69 18.84
N ARG C 92 -34.12 -6.55 17.58
CA ARG C 92 -32.78 -6.98 17.19
C ARG C 92 -31.66 -6.31 17.98
N PHE C 93 -31.68 -4.98 18.03
CA PHE C 93 -30.67 -4.22 18.75
C PHE C 93 -30.56 -4.66 20.21
N LEU C 94 -31.70 -4.73 20.90
CA LEU C 94 -31.68 -5.13 22.30
C LEU C 94 -31.20 -6.56 22.47
N GLU C 95 -31.59 -7.44 21.54
CA GLU C 95 -31.18 -8.83 21.61
C GLU C 95 -29.66 -8.87 21.52
N ILE C 96 -29.13 -8.11 20.59
CA ILE C 96 -27.70 -8.02 20.38
C ILE C 96 -27.04 -7.46 21.65
N VAL C 97 -27.73 -6.55 22.31
CA VAL C 97 -27.23 -5.94 23.54
C VAL C 97 -27.29 -6.96 24.67
N ARG C 98 -28.41 -7.68 24.74
CA ARG C 98 -28.58 -8.68 25.77
C ARG C 98 -27.41 -9.64 25.71
N ARG C 99 -27.11 -10.15 24.52
CA ARG C 99 -26.02 -11.11 24.37
C ARG C 99 -24.68 -10.52 24.79
N ALA C 100 -24.32 -9.38 24.22
CA ALA C 100 -23.07 -8.73 24.56
C ALA C 100 -23.01 -8.46 26.06
N SER C 101 -24.13 -7.99 26.63
CA SER C 101 -24.18 -7.67 28.04
C SER C 101 -23.74 -8.82 28.94
N GLU C 102 -23.90 -10.05 28.45
CA GLU C 102 -23.51 -11.22 29.22
C GLU C 102 -21.99 -11.36 29.23
N LYS C 103 -21.32 -10.80 28.23
CA LYS C 103 -19.87 -10.91 28.13
C LYS C 103 -19.11 -9.65 28.55
N SER C 104 -19.76 -8.77 29.31
CA SER C 104 -19.10 -7.56 29.76
C SER C 104 -18.74 -7.66 31.22
N GLU C 105 -17.46 -7.45 31.53
CA GLU C 105 -17.01 -7.50 32.90
C GLU C 105 -17.66 -6.32 33.62
N LEU C 106 -17.55 -5.13 33.04
CA LEU C 106 -18.14 -3.94 33.65
C LEU C 106 -19.61 -4.21 33.97
N VAL C 107 -20.34 -4.76 33.02
CA VAL C 107 -21.75 -5.07 33.24
C VAL C 107 -21.88 -6.09 34.35
N SER C 108 -20.98 -7.07 34.35
CA SER C 108 -20.99 -8.12 35.35
C SER C 108 -20.72 -7.58 36.75
N ARG C 109 -20.11 -6.41 36.84
CA ARG C 109 -19.83 -5.81 38.13
C ARG C 109 -21.10 -5.24 38.74
N GLY C 110 -22.15 -5.15 37.92
CA GLY C 110 -23.43 -4.64 38.40
C GLY C 110 -23.53 -3.15 38.68
N PRO C 111 -24.74 -2.67 39.00
CA PRO C 111 -24.97 -1.26 39.30
C PRO C 111 -24.53 -0.89 40.68
N VAL C 112 -24.95 0.29 41.11
CA VAL C 112 -24.60 0.80 42.41
C VAL C 112 -25.71 0.76 43.47
N SER C 113 -25.26 0.88 44.72
CA SER C 113 -26.06 0.87 45.94
C SER C 113 -27.47 0.26 45.96
N PRO C 114 -28.56 1.07 45.84
CA PRO C 114 -29.84 0.35 45.91
C PRO C 114 -30.46 -0.17 44.62
N LEU C 115 -29.96 0.28 43.47
CA LEU C 115 -30.51 -0.19 42.19
C LEU C 115 -30.32 -1.70 42.00
N GLN C 116 -31.13 -2.29 41.12
CA GLN C 116 -30.97 -3.71 40.85
C GLN C 116 -30.33 -3.90 39.49
N PRO C 117 -29.50 -4.95 39.34
CA PRO C 117 -28.84 -5.21 38.07
C PRO C 117 -29.79 -5.25 36.90
N ASP C 118 -29.36 -4.65 35.79
CA ASP C 118 -30.11 -4.63 34.54
C ASP C 118 -29.02 -4.60 33.46
N LYS C 119 -28.47 -5.78 33.15
CA LYS C 119 -27.39 -5.90 32.17
C LYS C 119 -27.61 -5.11 30.90
N VAL C 120 -28.80 -5.21 30.33
CA VAL C 120 -29.11 -4.46 29.11
C VAL C 120 -28.97 -2.95 29.30
N VAL C 121 -29.64 -2.41 30.31
CA VAL C 121 -29.59 -0.97 30.60
C VAL C 121 -28.17 -0.51 30.88
N GLU C 122 -27.45 -1.30 31.66
CA GLU C 122 -26.07 -0.97 32.01
C GLU C 122 -25.20 -1.01 30.76
N PHE C 123 -25.39 -2.03 29.92
CA PHE C 123 -24.59 -2.12 28.71
C PHE C 123 -24.82 -0.94 27.79
N LEU C 124 -26.07 -0.53 27.60
CA LEU C 124 -26.31 0.62 26.74
C LEU C 124 -25.63 1.81 27.35
N SER C 125 -25.77 1.96 28.66
CA SER C 125 -25.17 3.06 29.38
C SER C 125 -23.68 3.17 29.04
N GLY C 126 -23.00 2.05 29.12
CA GLY C 126 -21.57 2.03 28.84
C GLY C 126 -21.17 2.22 27.40
N SER C 127 -21.87 1.55 26.49
CA SER C 127 -21.56 1.66 25.07
C SER C 127 -21.86 3.03 24.55
N TYR C 128 -23.13 3.40 24.64
CA TYR C 128 -23.61 4.68 24.14
C TYR C 128 -23.98 5.62 25.27
N ALA C 129 -22.93 6.13 25.93
CA ALA C 129 -23.07 7.05 27.05
C ALA C 129 -23.50 8.46 26.68
N GLY C 130 -23.59 8.76 25.40
CA GLY C 130 -23.98 10.10 25.01
C GLY C 130 -25.09 10.20 23.99
N LEU C 131 -25.58 11.42 23.81
CA LEU C 131 -26.64 11.76 22.86
C LEU C 131 -26.09 12.76 21.86
N SER C 132 -26.52 12.67 20.60
CA SER C 132 -26.06 13.58 19.56
C SER C 132 -27.20 13.91 18.61
N LEU C 133 -27.65 15.15 18.67
CA LEU C 133 -28.71 15.63 17.80
C LEU C 133 -28.23 15.80 16.37
N SER C 134 -29.13 15.63 15.42
CA SER C 134 -28.85 15.79 14.01
C SER C 134 -29.85 16.82 13.52
N SER C 135 -29.41 18.06 13.40
CA SER C 135 -30.29 19.13 12.95
C SER C 135 -29.67 19.90 11.80
N ARG C 136 -30.47 20.76 11.17
CA ARG C 136 -29.97 21.55 10.04
C ARG C 136 -28.96 22.59 10.49
N ARG C 137 -28.01 22.92 9.63
CA ARG C 137 -27.01 23.92 9.96
C ARG C 137 -27.75 25.19 10.34
N CYS C 138 -27.42 25.74 11.50
CA CYS C 138 -28.08 26.94 12.01
C CYS C 138 -28.36 28.08 11.04
N ASP C 139 -29.63 28.20 10.68
CA ASP C 139 -30.13 29.22 9.78
C ASP C 139 -31.66 29.06 9.68
N ASP C 140 -32.38 29.50 10.72
CA ASP C 140 -33.84 29.39 10.68
C ASP C 140 -34.60 30.16 11.77
N VAL C 141 -34.70 31.48 11.61
CA VAL C 141 -35.44 32.33 12.54
C VAL C 141 -35.66 33.70 11.87
N GLU C 151 -40.53 25.64 9.57
CA GLU C 151 -40.71 24.20 9.44
C GLU C 151 -39.63 23.64 8.51
N THR C 152 -40.01 22.66 7.69
CA THR C 152 -39.12 22.01 6.74
C THR C 152 -38.30 20.94 7.49
N THR C 153 -38.71 20.68 8.74
CA THR C 153 -38.08 19.68 9.61
C THR C 153 -36.72 20.11 10.14
N PRO C 154 -36.69 21.05 11.08
CA PRO C 154 -35.40 21.49 11.61
C PRO C 154 -34.62 20.28 12.12
N PHE C 155 -35.28 19.48 12.95
CA PHE C 155 -34.70 18.29 13.57
C PHE C 155 -34.86 17.05 12.70
N LYS C 156 -33.75 16.36 12.45
CA LYS C 156 -33.78 15.16 11.63
C LYS C 156 -33.84 13.90 12.50
N HIS C 157 -32.95 13.79 13.46
CA HIS C 157 -32.93 12.63 14.33
C HIS C 157 -32.02 12.80 15.53
N VAL C 158 -32.00 11.79 16.39
CA VAL C 158 -31.17 11.81 17.58
C VAL C 158 -30.30 10.57 17.59
N ALA C 159 -29.03 10.72 17.95
CA ALA C 159 -28.15 9.58 17.94
C ALA C 159 -27.58 9.21 19.29
N LEU C 160 -27.51 7.90 19.55
CA LEU C 160 -26.91 7.40 20.78
C LEU C 160 -25.47 7.17 20.32
N CYS C 161 -24.53 7.81 20.98
CA CYS C 161 -23.13 7.67 20.60
C CYS C 161 -22.33 7.45 21.85
N SER C 162 -21.02 7.25 21.71
CA SER C 162 -20.18 7.02 22.88
C SER C 162 -19.95 8.29 23.69
N VAL C 163 -19.91 9.43 23.00
CA VAL C 163 -19.72 10.74 23.61
C VAL C 163 -20.22 11.79 22.62
N GLY C 164 -21.03 12.73 23.09
CA GLY C 164 -21.56 13.74 22.20
C GLY C 164 -20.58 14.84 21.90
N ARG C 165 -20.77 15.56 20.79
CA ARG C 165 -19.86 16.66 20.45
C ARG C 165 -20.24 17.88 21.26
N ARG C 166 -21.45 17.88 21.78
CA ARG C 166 -21.90 18.96 22.63
C ARG C 166 -21.79 18.43 24.06
N ARG C 167 -21.48 19.31 25.01
CA ARG C 167 -21.31 18.93 26.41
C ARG C 167 -22.64 18.91 27.18
N GLY C 168 -22.72 18.05 28.20
CA GLY C 168 -23.93 17.93 28.99
C GLY C 168 -24.92 17.03 28.30
N THR C 169 -24.42 16.34 27.27
CA THR C 169 -25.25 15.45 26.48
C THR C 169 -25.22 14.00 26.96
N LEU C 170 -25.04 13.82 28.27
CA LEU C 170 -25.01 12.49 28.88
C LEU C 170 -26.33 11.73 28.65
N ALA C 171 -26.24 10.44 28.34
CA ALA C 171 -27.44 9.64 28.12
C ALA C 171 -27.76 8.75 29.33
N VAL C 172 -28.92 8.99 29.93
CA VAL C 172 -29.36 8.20 31.08
C VAL C 172 -30.35 7.16 30.59
N TYR C 173 -30.04 5.90 30.84
CA TYR C 173 -30.91 4.80 30.43
C TYR C 173 -31.72 4.34 31.60
N GLY C 174 -32.91 3.83 31.31
CA GLY C 174 -33.76 3.35 32.37
C GLY C 174 -34.99 2.67 31.79
N ARG C 175 -35.67 1.88 32.61
CA ARG C 175 -36.86 1.17 32.15
C ARG C 175 -38.14 2.00 32.19
N ASP C 176 -38.19 3.00 33.06
CA ASP C 176 -39.36 3.83 33.18
C ASP C 176 -39.04 5.27 32.78
N PRO C 177 -39.88 5.87 31.92
CA PRO C 177 -39.66 7.24 31.48
C PRO C 177 -39.56 8.25 32.63
N GLU C 178 -40.45 8.11 33.63
CA GLU C 178 -40.46 9.00 34.78
C GLU C 178 -39.12 8.92 35.50
N TRP C 179 -38.77 7.70 35.89
CA TRP C 179 -37.54 7.43 36.59
C TRP C 179 -36.35 8.10 35.89
N VAL C 180 -36.31 7.97 34.57
CA VAL C 180 -35.23 8.58 33.81
C VAL C 180 -35.22 10.08 34.03
N THR C 181 -36.35 10.71 33.74
CA THR C 181 -36.51 12.13 33.92
C THR C 181 -36.08 12.55 35.31
N GLN C 182 -36.46 11.77 36.31
CA GLN C 182 -36.11 12.07 37.70
C GLN C 182 -34.60 12.01 38.00
N ARG C 183 -33.79 11.59 37.03
CA ARG C 183 -32.35 11.52 37.26
C ARG C 183 -31.66 12.87 37.08
N PHE C 184 -32.34 13.81 36.41
CA PHE C 184 -31.78 15.13 36.16
C PHE C 184 -32.38 16.19 37.10
N PRO C 185 -31.61 16.60 38.12
CA PRO C 185 -32.13 17.59 39.06
C PRO C 185 -32.61 18.91 38.46
N ASP C 186 -31.86 19.47 37.52
CA ASP C 186 -32.22 20.74 36.89
C ASP C 186 -33.70 20.80 36.50
N LEU C 187 -34.26 19.67 36.06
CA LEU C 187 -35.64 19.63 35.62
C LEU C 187 -36.70 19.84 36.70
N THR C 188 -37.55 20.84 36.48
CA THR C 188 -38.63 21.17 37.41
C THR C 188 -39.76 20.17 37.22
N ALA C 189 -40.65 20.06 38.19
CA ALA C 189 -41.78 19.15 38.05
C ALA C 189 -42.59 19.59 36.86
N ALA C 190 -42.58 20.88 36.59
CA ALA C 190 -43.31 21.45 35.47
C ALA C 190 -42.72 20.97 34.14
N ASP C 191 -41.42 20.75 34.15
CA ASP C 191 -40.70 20.28 32.96
C ASP C 191 -41.09 18.84 32.67
N ARG C 192 -41.21 18.06 33.74
CA ARG C 192 -41.57 16.65 33.61
C ARG C 192 -43.00 16.53 33.12
N ASP C 193 -43.83 17.53 33.43
CA ASP C 193 -45.22 17.52 32.99
C ASP C 193 -45.33 17.76 31.49
N GLY C 194 -44.48 18.64 30.98
CA GLY C 194 -44.50 18.92 29.55
C GLY C 194 -43.95 17.70 28.85
N LEU C 195 -43.01 17.02 29.50
CA LEU C 195 -42.40 15.83 28.94
C LEU C 195 -43.38 14.67 29.02
N ARG C 196 -44.04 14.56 30.16
CA ARG C 196 -45.00 13.49 30.39
C ARG C 196 -46.16 13.56 29.41
N ALA C 197 -46.63 14.77 29.15
CA ALA C 197 -47.74 14.98 28.24
C ALA C 197 -47.42 14.43 26.85
N GLN C 198 -46.14 14.46 26.50
CA GLN C 198 -45.71 13.97 25.20
C GLN C 198 -45.57 12.46 25.11
N TRP C 199 -44.65 11.90 25.88
CA TRP C 199 -44.37 10.47 25.83
C TRP C 199 -45.54 9.55 26.12
N GLN C 200 -46.50 10.01 26.91
CA GLN C 200 -47.67 9.17 27.19
C GLN C 200 -48.52 9.20 25.94
N ARG C 201 -48.45 10.33 25.23
CA ARG C 201 -49.19 10.56 23.99
C ARG C 201 -48.56 9.79 22.83
N CYS C 202 -47.45 9.12 23.11
CA CYS C 202 -46.75 8.38 22.08
C CYS C 202 -45.98 7.20 22.67
N GLY C 211 -42.49 -1.73 12.62
CA GLY C 211 -41.72 -2.94 12.85
C GLY C 211 -40.25 -2.62 13.06
N ASP C 212 -39.46 -3.64 13.39
CA ASP C 212 -38.02 -3.47 13.64
C ASP C 212 -37.34 -2.68 12.53
N PRO C 213 -37.02 -1.40 12.79
CA PRO C 213 -36.35 -0.55 11.80
C PRO C 213 -34.84 -0.70 11.77
N PHE C 214 -34.34 -1.75 12.42
CA PHE C 214 -32.90 -1.99 12.51
C PHE C 214 -32.34 -2.79 11.33
N ARG C 215 -31.53 -2.14 10.50
CA ARG C 215 -30.93 -2.81 9.35
C ARG C 215 -29.40 -2.96 9.49
N SER C 216 -28.94 -3.37 10.67
CA SER C 216 -27.51 -3.59 10.92
C SER C 216 -27.35 -4.86 11.78
N ASP C 217 -26.16 -5.06 12.37
CA ASP C 217 -25.95 -6.24 13.21
C ASP C 217 -24.82 -6.11 14.23
N SER C 218 -24.52 -7.20 14.94
CA SER C 218 -23.46 -7.16 15.94
C SER C 218 -22.10 -6.80 15.31
N TYR C 219 -21.92 -7.17 14.05
CA TYR C 219 -20.67 -6.88 13.35
C TYR C 219 -20.49 -5.38 13.21
N GLY C 220 -21.58 -4.69 12.92
CA GLY C 220 -21.50 -3.25 12.78
C GLY C 220 -21.22 -2.57 14.10
N LEU C 221 -21.88 -3.06 15.15
CA LEU C 221 -21.70 -2.49 16.47
C LEU C 221 -20.26 -2.73 16.91
N LEU C 222 -19.73 -3.90 16.55
CA LEU C 222 -18.36 -4.24 16.90
C LEU C 222 -17.40 -3.29 16.19
N GLY C 223 -17.70 -2.96 14.94
CA GLY C 223 -16.84 -2.06 14.19
C GLY C 223 -16.93 -0.66 14.77
N ASN C 224 -18.17 -0.22 14.95
CA ASN C 224 -18.44 1.11 15.49
C ASN C 224 -17.82 1.29 16.86
N SER C 225 -17.53 0.19 17.55
CA SER C 225 -16.95 0.26 18.89
C SER C 225 -15.46 0.55 18.92
N VAL C 226 -14.74 0.15 17.88
CA VAL C 226 -13.31 0.42 17.85
C VAL C 226 -13.16 1.90 17.53
N ASP C 227 -14.13 2.43 16.80
CA ASP C 227 -14.12 3.84 16.44
C ASP C 227 -14.24 4.64 17.73
N ALA C 228 -15.08 4.16 18.64
CA ALA C 228 -15.27 4.84 19.91
C ALA C 228 -14.00 4.75 20.74
N LEU C 229 -13.14 3.78 20.42
CA LEU C 229 -11.91 3.57 21.16
C LEU C 229 -10.82 4.60 20.90
N TYR C 230 -10.96 5.38 19.83
CA TYR C 230 -9.95 6.38 19.49
C TYR C 230 -10.45 7.82 19.54
N ILE C 231 -11.54 8.04 20.24
CA ILE C 231 -12.08 9.37 20.39
C ILE C 231 -11.35 9.98 21.56
N ARG C 232 -10.62 11.06 21.29
CA ARG C 232 -9.83 11.74 22.32
C ARG C 232 -10.69 12.29 23.45
N GLU C 233 -10.17 12.20 24.67
CA GLU C 233 -10.86 12.74 25.84
C GLU C 233 -12.22 12.13 26.19
N ARG C 234 -12.54 10.97 25.64
CA ARG C 234 -13.84 10.32 25.89
C ARG C 234 -14.32 10.32 27.34
N LEU C 235 -13.60 9.65 28.23
CA LEU C 235 -13.97 9.60 29.64
C LEU C 235 -13.99 10.98 30.30
N PRO C 236 -12.95 11.80 30.04
CA PRO C 236 -12.95 13.13 30.66
C PRO C 236 -14.14 13.99 30.26
N LYS C 237 -14.56 13.89 29.00
CA LYS C 237 -15.67 14.67 28.51
C LYS C 237 -16.98 14.18 29.14
N LEU C 238 -17.09 12.88 29.25
CA LEU C 238 -18.28 12.25 29.82
C LEU C 238 -18.39 12.52 31.32
N ARG C 239 -17.27 12.53 32.03
CA ARG C 239 -17.32 12.81 33.46
C ARG C 239 -17.75 14.25 33.62
N TYR C 240 -17.21 15.09 32.75
CA TYR C 240 -17.54 16.50 32.75
C TYR C 240 -19.03 16.64 32.53
N ASP C 241 -19.56 15.94 31.54
CA ASP C 241 -20.98 16.03 31.27
C ASP C 241 -21.76 15.58 32.50
N LYS C 242 -21.27 14.50 33.10
CA LYS C 242 -21.88 13.92 34.27
C LYS C 242 -22.08 14.94 35.41
N GLN C 243 -21.15 15.85 35.59
CA GLN C 243 -21.33 16.84 36.66
C GLN C 243 -22.24 18.00 36.26
N LEU C 244 -22.17 18.39 35.00
CA LEU C 244 -22.97 19.50 34.52
C LEU C 244 -24.47 19.25 34.65
N VAL C 245 -24.91 18.06 34.26
CA VAL C 245 -26.31 17.71 34.31
C VAL C 245 -26.82 17.23 35.67
N GLY C 246 -25.91 16.91 36.58
CA GLY C 246 -26.32 16.48 37.91
C GLY C 246 -26.50 14.99 38.18
N VAL C 247 -26.19 14.14 37.21
CA VAL C 247 -26.34 12.69 37.40
C VAL C 247 -25.26 12.12 38.32
N THR C 248 -24.43 13.02 38.86
CA THR C 248 -23.37 12.66 39.79
C THR C 248 -24.05 12.64 41.16
N GLU C 249 -24.88 13.67 41.38
CA GLU C 249 -25.64 13.85 42.60
C GLU C 249 -26.73 12.79 42.73
N ARG C 250 -27.29 12.38 41.60
CA ARG C 250 -28.35 11.38 41.58
C ARG C 250 -27.73 9.99 41.42
N GLU C 251 -28.56 8.95 41.47
CA GLU C 251 -28.05 7.61 41.27
C GLU C 251 -28.65 7.01 40.00
N SER C 252 -27.81 6.34 39.22
CA SER C 252 -28.26 5.76 37.96
C SER C 252 -27.36 4.63 37.49
N TYR C 253 -27.65 4.12 36.30
CA TYR C 253 -26.90 3.03 35.70
C TYR C 253 -25.75 3.54 34.85
N VAL C 254 -25.48 4.83 34.95
CA VAL C 254 -24.40 5.44 34.19
C VAL C 254 -23.06 4.82 34.60
N LYS C 255 -22.17 4.65 33.63
CA LYS C 255 -20.88 4.03 33.90
C LYS C 255 -19.71 5.02 33.87
N ALA C 256 -19.96 6.22 33.35
CA ALA C 256 -18.90 7.21 33.28
C ALA C 256 -18.52 7.70 34.67
N ASP D 4 -16.49 -14.92 -1.71
CA ASP D 4 -15.70 -14.26 -2.78
C ASP D 4 -14.25 -14.74 -2.73
N GLU D 5 -13.39 -14.08 -3.50
CA GLU D 5 -11.97 -14.41 -3.58
C GLU D 5 -11.13 -13.24 -3.10
N GLN D 6 -11.76 -12.08 -2.98
CA GLN D 6 -11.09 -10.88 -2.52
C GLN D 6 -11.17 -10.87 -1.00
N GLN D 7 -11.99 -11.78 -0.47
CA GLN D 7 -12.20 -11.94 0.97
C GLN D 7 -11.29 -13.01 1.57
N SER D 8 -10.83 -13.94 0.73
CA SER D 8 -9.98 -15.03 1.17
C SER D 8 -8.58 -14.59 1.62
N GLN D 9 -8.08 -13.50 1.03
CA GLN D 9 -6.76 -13.02 1.40
C GLN D 9 -6.78 -12.11 2.61
N ALA D 10 -7.97 -11.78 3.09
CA ALA D 10 -8.12 -10.94 4.27
C ALA D 10 -8.26 -11.86 5.48
N VAL D 11 -8.70 -13.08 5.20
CA VAL D 11 -8.87 -14.09 6.25
C VAL D 11 -7.71 -15.08 6.30
N ALA D 12 -6.50 -14.56 6.08
CA ALA D 12 -5.27 -15.37 6.12
C ALA D 12 -4.53 -15.01 7.41
N PRO D 13 -3.59 -15.88 7.85
CA PRO D 13 -2.81 -15.66 9.08
C PRO D 13 -2.34 -14.22 9.31
N VAL D 14 -2.55 -13.72 10.51
CA VAL D 14 -2.10 -12.38 10.83
C VAL D 14 -1.08 -12.46 11.96
N TYR D 15 0.13 -11.99 11.71
CA TYR D 15 1.15 -12.02 12.73
C TYR D 15 1.11 -10.84 13.68
N VAL D 16 1.38 -11.12 14.94
CA VAL D 16 1.40 -10.07 15.93
C VAL D 16 2.68 -10.23 16.74
N GLY D 17 3.37 -9.12 16.95
CA GLY D 17 4.60 -9.18 17.70
C GLY D 17 4.62 -8.02 18.66
N GLY D 18 5.54 -8.07 19.62
CA GLY D 18 5.65 -7.00 20.59
C GLY D 18 6.24 -7.53 21.88
N PHE D 19 6.55 -6.61 22.79
CA PHE D 19 7.11 -7.00 24.06
C PHE D 19 5.99 -7.31 25.03
N LEU D 20 6.17 -8.39 25.79
CA LEU D 20 5.18 -8.78 26.79
C LEU D 20 5.59 -8.07 28.06
N ALA D 21 6.83 -7.61 28.09
CA ALA D 21 7.36 -6.90 29.24
C ALA D 21 8.66 -6.19 28.92
N ARG D 22 8.85 -5.01 29.52
CA ARG D 22 10.07 -4.23 29.32
C ARG D 22 10.85 -4.23 30.62
N TYR D 23 12.08 -4.72 30.59
CA TYR D 23 12.92 -4.77 31.79
C TYR D 23 13.22 -3.39 32.39
N ASP D 24 13.13 -2.34 31.58
CA ASP D 24 13.42 -1.00 32.08
C ASP D 24 12.26 -0.27 32.76
N GLN D 25 11.04 -0.80 32.67
CA GLN D 25 9.90 -0.16 33.30
C GLN D 25 9.67 -0.71 34.70
N SER D 26 9.47 0.17 35.67
CA SER D 26 9.20 -0.27 37.03
C SER D 26 7.68 -0.44 37.19
N PRO D 27 7.21 -1.71 37.16
CA PRO D 27 5.79 -2.00 37.29
C PRO D 27 5.15 -1.13 38.34
N ASP D 28 3.95 -0.63 38.05
CA ASP D 28 3.25 0.21 39.03
C ASP D 28 2.60 -0.70 40.07
N GLU D 29 2.63 -2.01 39.82
CA GLU D 29 2.06 -3.00 40.72
C GLU D 29 3.00 -4.18 40.92
N ALA D 30 3.45 -4.34 42.16
CA ALA D 30 4.38 -5.38 42.58
C ALA D 30 4.26 -6.73 41.88
N ARG D 31 3.05 -7.22 41.69
CA ARG D 31 2.86 -8.51 41.04
C ARG D 31 3.29 -8.48 39.58
N LEU D 32 3.04 -7.36 38.90
CA LEU D 32 3.41 -7.22 37.50
C LEU D 32 4.92 -7.32 37.27
N LEU D 33 5.68 -7.36 38.36
CA LEU D 33 7.14 -7.47 38.27
C LEU D 33 7.49 -8.72 37.50
N LEU D 34 8.60 -8.66 36.77
CA LEU D 34 9.06 -9.78 35.97
C LEU D 34 10.44 -9.45 35.42
N PRO D 35 11.49 -9.57 36.24
CA PRO D 35 12.87 -9.27 35.85
C PRO D 35 13.46 -10.21 34.81
N ARG D 36 14.49 -9.74 34.13
CA ARG D 36 15.19 -10.50 33.09
C ARG D 36 15.72 -11.86 33.56
N ASP D 37 16.20 -11.90 34.80
CA ASP D 37 16.75 -13.13 35.38
C ASP D 37 15.69 -14.20 35.52
N VAL D 38 14.54 -13.77 36.06
CA VAL D 38 13.40 -14.65 36.27
C VAL D 38 12.95 -15.24 34.95
N VAL D 39 12.66 -14.35 34.01
CA VAL D 39 12.19 -14.71 32.67
C VAL D 39 13.08 -15.72 31.96
N GLU D 40 14.37 -15.39 31.85
CA GLU D 40 15.30 -16.26 31.17
C GLU D 40 15.32 -17.68 31.72
N HIS D 41 15.22 -17.81 33.03
CA HIS D 41 15.20 -19.14 33.64
C HIS D 41 13.93 -19.86 33.18
N TRP D 42 12.79 -19.20 33.36
CA TRP D 42 11.50 -19.75 32.94
C TRP D 42 11.58 -20.23 31.50
N LEU D 43 11.97 -19.34 30.60
CA LEU D 43 12.09 -19.72 29.20
C LEU D 43 12.91 -20.99 29.11
N HIS D 44 14.08 -21.00 29.77
CA HIS D 44 14.95 -22.15 29.75
C HIS D 44 14.19 -23.45 30.03
N ALA D 45 13.16 -23.37 30.88
CA ALA D 45 12.36 -24.54 31.22
C ALA D 45 10.97 -24.46 30.61
N GLN D 46 10.86 -24.83 29.34
CA GLN D 46 9.59 -24.80 28.64
C GLN D 46 9.02 -26.20 28.43
N VAL D 55 2.64 -27.52 22.06
CA VAL D 55 3.41 -26.90 23.14
C VAL D 55 3.45 -25.39 22.96
N ALA D 56 2.82 -24.92 21.89
CA ALA D 56 2.78 -23.49 21.61
C ALA D 56 1.76 -22.85 22.54
N LEU D 57 2.18 -21.85 23.31
CA LEU D 57 1.27 -21.16 24.22
C LEU D 57 0.11 -20.58 23.42
N PRO D 58 -1.14 -20.78 23.88
CA PRO D 58 -2.32 -20.26 23.18
C PRO D 58 -2.40 -18.73 23.19
N LEU D 59 -2.97 -18.18 22.11
CA LEU D 59 -3.12 -16.74 21.97
C LEU D 59 -4.62 -16.44 22.01
N ASN D 60 -5.07 -15.74 23.04
CA ASN D 60 -6.49 -15.41 23.12
C ASN D 60 -6.78 -13.93 23.13
N ILE D 61 -8.02 -13.61 23.46
CA ILE D 61 -8.47 -12.23 23.52
C ILE D 61 -8.73 -11.85 24.96
N ASN D 62 -7.97 -10.90 25.48
CA ASN D 62 -8.15 -10.44 26.85
C ASN D 62 -8.32 -11.58 27.86
N HIS D 63 -7.39 -12.52 27.85
CA HIS D 63 -7.38 -13.61 28.80
C HIS D 63 -8.63 -14.49 28.95
N ASP D 64 -9.51 -14.49 27.95
CA ASP D 64 -10.71 -15.31 27.98
C ASP D 64 -10.34 -16.62 27.27
N ASP D 65 -10.27 -17.73 28.01
CA ASP D 65 -9.90 -19.01 27.42
C ASP D 65 -10.81 -19.54 26.30
N THR D 66 -12.00 -18.98 26.13
CA THR D 66 -12.88 -19.45 25.05
C THR D 66 -12.66 -18.61 23.80
N ALA D 67 -11.83 -17.57 23.92
CA ALA D 67 -11.53 -16.68 22.82
C ALA D 67 -10.11 -16.90 22.28
N VAL D 68 -9.77 -18.13 21.94
CA VAL D 68 -8.45 -18.41 21.40
C VAL D 68 -8.44 -18.17 19.91
N VAL D 69 -7.49 -17.34 19.46
CA VAL D 69 -7.41 -17.00 18.05
C VAL D 69 -6.19 -17.55 17.34
N GLY D 70 -5.18 -17.95 18.10
CA GLY D 70 -3.99 -18.48 17.47
C GLY D 70 -3.00 -19.00 18.48
N HIS D 71 -1.72 -18.91 18.16
CA HIS D 71 -0.68 -19.39 19.05
C HIS D 71 0.54 -18.49 19.06
N VAL D 72 1.29 -18.56 20.15
CA VAL D 72 2.50 -17.81 20.27
C VAL D 72 3.47 -18.60 19.40
N ALA D 73 4.12 -17.93 18.45
CA ALA D 73 5.04 -18.60 17.54
C ALA D 73 6.50 -18.52 17.96
N ALA D 74 6.79 -17.57 18.85
CA ALA D 74 8.15 -17.38 19.30
C ALA D 74 8.24 -16.46 20.51
N MET D 75 9.29 -16.66 21.30
CA MET D 75 9.56 -15.84 22.47
C MET D 75 11.06 -15.68 22.60
N GLN D 76 11.50 -14.55 23.12
CA GLN D 76 12.93 -14.31 23.23
C GLN D 76 13.26 -13.18 24.19
N SER D 77 14.12 -13.48 25.16
CA SER D 77 14.53 -12.46 26.11
C SER D 77 15.62 -11.65 25.44
N VAL D 78 15.39 -10.35 25.30
CA VAL D 78 16.39 -9.49 24.67
C VAL D 78 16.77 -8.38 25.64
N ARG D 79 17.74 -7.56 25.26
CA ARG D 79 18.18 -6.48 26.13
C ARG D 79 17.05 -5.70 26.78
N ASP D 80 16.07 -5.32 25.98
CA ASP D 80 14.96 -4.50 26.46
C ASP D 80 13.76 -5.22 27.08
N GLY D 81 13.74 -6.54 27.01
CA GLY D 81 12.61 -7.24 27.59
C GLY D 81 12.20 -8.50 26.87
N LEU D 82 11.11 -9.12 27.35
CA LEU D 82 10.62 -10.34 26.74
C LEU D 82 9.73 -9.99 25.57
N PHE D 83 10.24 -10.27 24.38
CA PHE D 83 9.53 -9.99 23.14
C PHE D 83 9.01 -11.31 22.62
N CYS D 84 7.82 -11.30 22.04
CA CYS D 84 7.26 -12.53 21.50
C CYS D 84 6.61 -12.25 20.15
N LEU D 85 6.38 -13.33 19.40
CA LEU D 85 5.77 -13.25 18.09
C LEU D 85 4.66 -14.29 18.09
N GLY D 86 3.46 -13.88 17.67
CA GLY D 86 2.34 -14.80 17.65
C GLY D 86 1.59 -14.82 16.33
N CYS D 87 0.75 -15.84 16.14
CA CYS D 87 -0.01 -15.97 14.90
C CYS D 87 -1.51 -16.15 15.12
N VAL D 88 -2.30 -15.25 14.50
CA VAL D 88 -3.75 -15.30 14.60
C VAL D 88 -4.17 -16.18 13.45
N THR D 89 -4.87 -17.27 13.77
CA THR D 89 -5.26 -18.21 12.74
C THR D 89 -6.72 -18.64 12.66
N SER D 90 -7.51 -18.29 13.66
CA SER D 90 -8.90 -18.72 13.66
C SER D 90 -9.77 -18.21 12.50
N PRO D 91 -10.31 -19.13 11.69
CA PRO D 91 -11.16 -18.77 10.56
C PRO D 91 -12.33 -17.95 11.07
N ARG D 92 -12.99 -18.48 12.11
CA ARG D 92 -14.14 -17.84 12.75
C ARG D 92 -13.81 -16.42 13.19
N PHE D 93 -12.78 -16.28 14.01
CA PHE D 93 -12.35 -14.97 14.50
C PHE D 93 -12.02 -14.02 13.34
N LEU D 94 -11.12 -14.44 12.45
CA LEU D 94 -10.72 -13.61 11.33
C LEU D 94 -11.94 -13.28 10.49
N GLU D 95 -12.89 -14.20 10.41
CA GLU D 95 -14.10 -13.91 9.65
C GLU D 95 -14.88 -12.81 10.36
N ILE D 96 -14.88 -12.87 11.69
CA ILE D 96 -15.58 -11.86 12.47
C ILE D 96 -14.89 -10.52 12.25
N VAL D 97 -13.57 -10.50 12.42
CA VAL D 97 -12.80 -9.29 12.26
C VAL D 97 -12.97 -8.68 10.89
N ARG D 98 -13.11 -9.52 9.87
CA ARG D 98 -13.30 -8.98 8.53
C ARG D 98 -14.63 -8.24 8.52
N ARG D 99 -15.70 -8.95 8.89
CA ARG D 99 -17.03 -8.36 8.94
C ARG D 99 -17.06 -7.01 9.67
N ALA D 100 -16.51 -6.95 10.87
CA ALA D 100 -16.54 -5.71 11.63
C ALA D 100 -15.77 -4.57 10.98
N SER D 101 -14.57 -4.86 10.47
CA SER D 101 -13.71 -3.86 9.83
C SER D 101 -14.39 -3.10 8.71
N GLU D 102 -15.28 -3.79 8.01
CA GLU D 102 -16.00 -3.19 6.89
C GLU D 102 -16.85 -2.03 7.41
N LYS D 103 -17.21 -2.11 8.68
CA LYS D 103 -18.03 -1.09 9.28
C LYS D 103 -17.26 -0.25 10.31
N SER D 104 -16.04 0.15 9.97
CA SER D 104 -15.25 0.93 10.91
C SER D 104 -14.67 2.14 10.25
N GLU D 105 -15.04 3.32 10.76
CA GLU D 105 -14.52 4.56 10.21
C GLU D 105 -13.02 4.60 10.31
N LEU D 106 -12.49 4.16 11.46
CA LEU D 106 -11.05 4.12 11.66
C LEU D 106 -10.41 3.34 10.52
N VAL D 107 -10.93 2.15 10.26
CA VAL D 107 -10.42 1.31 9.18
C VAL D 107 -10.63 2.01 7.84
N SER D 108 -11.80 2.60 7.64
CA SER D 108 -12.11 3.27 6.39
C SER D 108 -11.13 4.37 6.04
N ARG D 109 -10.52 4.98 7.06
CA ARG D 109 -9.55 6.04 6.82
C ARG D 109 -8.23 5.45 6.38
N GLY D 110 -8.17 4.13 6.29
CA GLY D 110 -6.96 3.45 5.87
C GLY D 110 -5.68 3.78 6.60
N PRO D 111 -4.55 3.18 6.19
CA PRO D 111 -3.24 3.42 6.82
C PRO D 111 -2.50 4.65 6.33
N VAL D 112 -1.24 4.77 6.73
CA VAL D 112 -0.40 5.91 6.40
C VAL D 112 0.35 5.86 5.07
N SER D 113 1.31 6.77 4.98
CA SER D 113 2.18 6.98 3.81
C SER D 113 1.94 6.09 2.61
N PRO D 114 2.76 5.04 2.38
CA PRO D 114 2.47 4.24 1.20
C PRO D 114 1.92 2.84 1.49
N LEU D 115 1.62 2.55 2.75
CA LEU D 115 1.08 1.24 3.10
C LEU D 115 -0.21 0.95 2.37
N GLN D 116 -0.41 -0.31 1.98
CA GLN D 116 -1.63 -0.69 1.30
C GLN D 116 -2.65 -1.01 2.38
N PRO D 117 -3.84 -0.41 2.32
CA PRO D 117 -4.77 -0.74 3.39
C PRO D 117 -4.91 -2.25 3.54
N ASP D 118 -5.17 -2.68 4.76
CA ASP D 118 -5.37 -4.08 5.12
C ASP D 118 -6.36 -4.00 6.28
N LYS D 119 -7.65 -3.98 5.94
CA LYS D 119 -8.71 -3.86 6.93
C LYS D 119 -8.55 -4.74 8.15
N VAL D 120 -8.58 -6.05 7.95
CA VAL D 120 -8.45 -6.97 9.07
C VAL D 120 -7.26 -6.61 9.95
N VAL D 121 -6.09 -6.41 9.33
CA VAL D 121 -4.91 -6.07 10.10
C VAL D 121 -5.10 -4.77 10.87
N GLU D 122 -5.65 -3.77 10.19
CA GLU D 122 -5.89 -2.47 10.81
C GLU D 122 -6.88 -2.52 11.97
N PHE D 123 -7.91 -3.33 11.85
CA PHE D 123 -8.90 -3.49 12.90
C PHE D 123 -8.31 -4.11 14.18
N LEU D 124 -7.50 -5.15 14.00
CA LEU D 124 -6.88 -5.82 15.14
C LEU D 124 -5.97 -4.83 15.85
N SER D 125 -5.32 -4.00 15.04
CA SER D 125 -4.41 -2.97 15.53
C SER D 125 -5.22 -2.03 16.43
N GLY D 126 -6.34 -1.55 15.91
CA GLY D 126 -7.16 -0.65 16.67
C GLY D 126 -7.78 -1.27 17.91
N SER D 127 -8.41 -2.42 17.76
CA SER D 127 -9.06 -3.09 18.88
C SER D 127 -8.14 -3.58 19.98
N TYR D 128 -7.10 -4.31 19.58
CA TYR D 128 -6.15 -4.88 20.53
C TYR D 128 -4.77 -4.40 20.18
N ALA D 129 -4.44 -3.20 20.67
CA ALA D 129 -3.16 -2.58 20.42
C ALA D 129 -2.14 -3.00 21.47
N GLY D 130 -2.60 -3.73 22.47
CA GLY D 130 -1.72 -4.16 23.52
C GLY D 130 -1.58 -5.66 23.63
N LEU D 131 -0.57 -6.08 24.37
CA LEU D 131 -0.28 -7.48 24.61
C LEU D 131 -0.29 -7.69 26.13
N SER D 132 -0.70 -8.87 26.56
CA SER D 132 -0.74 -9.13 27.99
C SER D 132 -0.43 -10.58 28.31
N LEU D 133 0.75 -10.79 28.88
CA LEU D 133 1.24 -12.10 29.25
C LEU D 133 0.46 -12.66 30.42
N SER D 134 0.22 -13.96 30.38
CA SER D 134 -0.49 -14.64 31.46
C SER D 134 0.52 -15.62 32.03
N SER D 135 1.14 -15.26 33.16
CA SER D 135 2.15 -16.13 33.78
C SER D 135 2.05 -16.33 35.29
N ARG D 136 2.79 -17.34 35.76
CA ARG D 136 2.84 -17.70 37.18
C ARG D 136 3.26 -16.52 38.05
N ARG D 137 2.59 -16.34 39.18
CA ARG D 137 2.87 -15.25 40.10
C ARG D 137 4.35 -15.24 40.54
N THR D 153 6.32 -24.82 32.83
CA THR D 153 5.11 -24.20 32.30
C THR D 153 4.73 -22.92 33.06
N PRO D 154 5.71 -22.04 33.34
CA PRO D 154 5.49 -20.79 34.07
C PRO D 154 4.78 -19.73 33.24
N PHE D 155 4.84 -19.88 31.91
CA PHE D 155 4.20 -18.97 30.97
C PHE D 155 2.93 -19.61 30.47
N LYS D 156 1.80 -19.17 30.99
CA LYS D 156 0.52 -19.74 30.60
C LYS D 156 0.08 -19.37 29.19
N HIS D 157 -0.23 -18.11 28.94
CA HIS D 157 -0.64 -17.73 27.61
C HIS D 157 -0.39 -16.26 27.32
N VAL D 158 -0.72 -15.87 26.09
CA VAL D 158 -0.59 -14.49 25.67
C VAL D 158 -1.91 -14.02 25.10
N ALA D 159 -2.39 -12.90 25.62
CA ALA D 159 -3.66 -12.37 25.18
C ALA D 159 -3.51 -11.04 24.45
N LEU D 160 -4.39 -10.82 23.50
CA LEU D 160 -4.40 -9.58 22.74
C LEU D 160 -5.34 -8.73 23.57
N CYS D 161 -5.12 -7.43 23.60
CA CYS D 161 -5.99 -6.55 24.38
C CYS D 161 -5.87 -5.09 23.97
N SER D 162 -6.76 -4.25 24.47
CA SER D 162 -6.73 -2.84 24.12
C SER D 162 -5.47 -2.17 24.64
N VAL D 163 -5.04 -2.58 25.83
CA VAL D 163 -3.81 -2.06 26.45
C VAL D 163 -3.38 -3.06 27.51
N GLY D 164 -2.09 -3.36 27.57
CA GLY D 164 -1.61 -4.29 28.57
C GLY D 164 -1.39 -3.58 29.87
N ARG D 165 -1.30 -4.33 30.97
CA ARG D 165 -1.08 -3.72 32.27
C ARG D 165 0.36 -3.21 32.41
N ARG D 166 1.26 -3.70 31.56
CA ARG D 166 2.66 -3.28 31.58
C ARG D 166 2.97 -2.37 30.39
N ARG D 167 3.83 -1.39 30.59
CA ARG D 167 4.17 -0.46 29.52
C ARG D 167 5.16 -1.07 28.54
N GLY D 168 5.15 -0.56 27.31
CA GLY D 168 6.04 -1.06 26.27
C GLY D 168 5.51 -2.33 25.63
N THR D 169 4.21 -2.59 25.80
CA THR D 169 3.59 -3.81 25.28
C THR D 169 2.72 -3.55 24.05
N LEU D 170 3.18 -2.66 23.18
CA LEU D 170 2.43 -2.34 21.97
C LEU D 170 2.37 -3.57 21.07
N ALA D 171 1.23 -3.79 20.43
CA ALA D 171 1.08 -4.93 19.55
C ALA D 171 1.15 -4.50 18.11
N VAL D 172 2.05 -5.12 17.35
CA VAL D 172 2.21 -4.81 15.93
C VAL D 172 1.65 -5.94 15.06
N TYR D 173 0.70 -5.61 14.18
CA TYR D 173 0.07 -6.59 13.31
C TYR D 173 0.62 -6.50 11.90
N GLY D 174 0.89 -7.66 11.31
CA GLY D 174 1.41 -7.72 9.96
C GLY D 174 1.23 -9.09 9.36
N ARG D 175 1.22 -9.16 8.03
CA ARG D 175 1.04 -10.44 7.34
C ARG D 175 2.33 -11.26 7.34
N ASP D 176 3.47 -10.57 7.29
CA ASP D 176 4.78 -11.21 7.28
C ASP D 176 5.46 -11.04 8.62
N PRO D 177 5.82 -12.16 9.28
CA PRO D 177 6.49 -12.07 10.57
C PRO D 177 7.81 -11.29 10.51
N GLU D 178 8.54 -11.45 9.41
CA GLU D 178 9.81 -10.75 9.19
C GLU D 178 9.51 -9.27 9.32
N TRP D 179 8.63 -8.82 8.43
CA TRP D 179 8.22 -7.44 8.37
C TRP D 179 7.74 -6.98 9.75
N VAL D 180 7.02 -7.84 10.46
CA VAL D 180 6.52 -7.44 11.78
C VAL D 180 7.66 -7.25 12.74
N THR D 181 8.48 -8.27 12.91
CA THR D 181 9.60 -8.17 13.84
C THR D 181 10.49 -7.01 13.40
N GLN D 182 10.37 -6.64 12.13
CA GLN D 182 11.16 -5.57 11.53
C GLN D 182 10.76 -4.16 11.97
N ARG D 183 9.57 -4.02 12.55
CA ARG D 183 9.10 -2.73 13.00
C ARG D 183 9.74 -2.29 14.30
N PHE D 184 10.37 -3.23 15.00
CA PHE D 184 10.99 -2.86 16.27
C PHE D 184 12.48 -2.59 16.15
N PRO D 185 12.86 -1.31 16.26
CA PRO D 185 14.26 -0.88 16.18
C PRO D 185 15.13 -1.48 17.27
N ASP D 186 14.54 -1.78 18.42
CA ASP D 186 15.27 -2.37 19.55
C ASP D 186 15.92 -3.72 19.23
N LEU D 187 15.29 -4.50 18.37
CA LEU D 187 15.79 -5.82 18.04
C LEU D 187 17.00 -5.79 17.12
N THR D 188 17.84 -6.82 17.25
CA THR D 188 19.04 -6.94 16.44
C THR D 188 18.89 -8.12 15.49
N ALA D 189 19.70 -8.14 14.43
CA ALA D 189 19.64 -9.24 13.46
C ALA D 189 19.73 -10.53 14.24
N ALA D 190 20.53 -10.54 15.30
CA ALA D 190 20.69 -11.72 16.14
C ALA D 190 19.34 -12.04 16.79
N ASP D 191 18.75 -11.02 17.40
CA ASP D 191 17.44 -11.17 18.03
C ASP D 191 16.47 -11.83 17.04
N ARG D 192 16.35 -11.22 15.86
CA ARG D 192 15.46 -11.70 14.82
C ARG D 192 15.79 -13.13 14.41
N ASP D 193 17.07 -13.42 14.23
CA ASP D 193 17.51 -14.76 13.84
C ASP D 193 16.91 -15.79 14.79
N GLY D 194 16.87 -15.45 16.08
CA GLY D 194 16.32 -16.36 17.07
C GLY D 194 14.82 -16.55 16.93
N LEU D 195 14.08 -15.45 16.76
CA LEU D 195 12.63 -15.53 16.60
C LEU D 195 12.33 -16.28 15.32
N ARG D 196 13.06 -15.94 14.26
CA ARG D 196 12.87 -16.56 12.94
C ARG D 196 13.04 -18.06 13.00
N ALA D 197 14.00 -18.50 13.81
CA ALA D 197 14.27 -19.91 13.98
C ALA D 197 13.08 -20.55 14.68
N GLN D 198 12.53 -19.82 15.64
CA GLN D 198 11.39 -20.34 16.39
C GLN D 198 10.10 -20.39 15.59
N TRP D 199 9.81 -19.34 14.83
CA TRP D 199 8.59 -19.34 14.04
C TRP D 199 8.66 -20.26 12.82
N GLN D 200 9.88 -20.58 12.39
CA GLN D 200 10.08 -21.48 11.26
C GLN D 200 9.87 -22.91 11.71
N GLY D 211 -10.69 -28.29 14.57
CA GLY D 211 -9.81 -27.17 14.27
C GLY D 211 -10.04 -25.92 15.11
N ASP D 212 -10.61 -24.90 14.48
CA ASP D 212 -10.90 -23.62 15.11
C ASP D 212 -11.06 -23.56 16.63
N PRO D 213 -10.10 -22.95 17.33
CA PRO D 213 -10.11 -22.82 18.78
C PRO D 213 -10.87 -21.62 19.32
N PHE D 214 -11.63 -20.94 18.46
CA PHE D 214 -12.39 -19.77 18.88
C PHE D 214 -13.82 -20.22 19.18
N ARG D 215 -14.10 -20.46 20.46
CA ARG D 215 -15.41 -20.90 20.89
C ARG D 215 -16.28 -19.76 21.42
N SER D 216 -16.04 -18.55 20.92
CA SER D 216 -16.78 -17.35 21.34
C SER D 216 -17.31 -16.67 20.08
N ASP D 217 -17.96 -15.53 20.21
CA ASP D 217 -18.50 -14.88 19.02
C ASP D 217 -18.42 -13.37 19.01
N SER D 218 -18.99 -12.77 17.97
CA SER D 218 -19.02 -11.33 17.81
C SER D 218 -19.65 -10.69 19.05
N TYR D 219 -20.73 -11.28 19.52
CA TYR D 219 -21.38 -10.75 20.70
C TYR D 219 -20.37 -10.68 21.85
N GLY D 220 -19.54 -11.72 21.97
CA GLY D 220 -18.55 -11.77 23.03
C GLY D 220 -17.58 -10.62 22.92
N LEU D 221 -17.05 -10.45 21.71
CA LEU D 221 -16.08 -9.38 21.43
C LEU D 221 -16.74 -8.02 21.60
N LEU D 222 -18.00 -7.92 21.16
CA LEU D 222 -18.75 -6.68 21.26
C LEU D 222 -18.82 -6.31 22.72
N GLY D 223 -18.97 -7.32 23.57
CA GLY D 223 -19.07 -7.12 25.01
C GLY D 223 -17.77 -6.66 25.61
N ASN D 224 -16.70 -7.41 25.35
CA ASN D 224 -15.38 -7.08 25.85
C ASN D 224 -14.99 -5.68 25.38
N SER D 225 -15.68 -5.19 24.35
CA SER D 225 -15.37 -3.88 23.80
C SER D 225 -15.83 -2.73 24.68
N VAL D 226 -17.00 -2.86 25.28
CA VAL D 226 -17.46 -1.80 26.14
C VAL D 226 -16.48 -1.73 27.31
N ASP D 227 -16.08 -2.88 27.84
CA ASP D 227 -15.14 -2.91 28.94
C ASP D 227 -13.92 -2.07 28.59
N ALA D 228 -13.48 -2.17 27.35
CA ALA D 228 -12.30 -1.42 26.89
C ALA D 228 -12.56 0.07 26.95
N LEU D 229 -13.78 0.48 26.67
CA LEU D 229 -14.14 1.89 26.70
C LEU D 229 -13.89 2.53 28.05
N TYR D 230 -13.67 1.73 29.08
CA TYR D 230 -13.47 2.32 30.41
C TYR D 230 -12.13 2.12 31.07
N ILE D 231 -11.13 1.67 30.30
CA ILE D 231 -9.79 1.49 30.83
C ILE D 231 -9.21 2.90 30.91
N ARG D 232 -9.05 3.39 32.13
CA ARG D 232 -8.57 4.76 32.28
C ARG D 232 -7.18 4.98 31.72
N GLU D 233 -7.06 6.03 30.90
CA GLU D 233 -5.80 6.42 30.29
C GLU D 233 -5.41 5.56 29.09
N ARG D 234 -6.37 4.84 28.52
CA ARG D 234 -6.08 3.97 27.38
C ARG D 234 -5.22 4.64 26.31
N LEU D 235 -5.77 5.64 25.62
CA LEU D 235 -5.04 6.35 24.57
C LEU D 235 -3.67 6.82 25.03
N PRO D 236 -3.61 7.60 26.12
CA PRO D 236 -2.30 8.07 26.56
C PRO D 236 -1.31 6.92 26.74
N LYS D 237 -1.70 5.88 27.46
CA LYS D 237 -0.85 4.73 27.71
C LYS D 237 -0.29 4.10 26.44
N LEU D 238 -1.15 4.00 25.43
CA LEU D 238 -0.76 3.43 24.16
C LEU D 238 0.29 4.31 23.47
N ARG D 239 0.04 5.62 23.45
CA ARG D 239 1.00 6.55 22.85
C ARG D 239 2.36 6.33 23.52
N TYR D 240 2.34 6.28 24.85
CA TYR D 240 3.56 6.07 25.62
C TYR D 240 4.28 4.79 25.19
N ASP D 241 3.52 3.71 25.00
CA ASP D 241 4.10 2.43 24.60
C ASP D 241 4.74 2.54 23.23
N LYS D 242 4.04 3.18 22.30
CA LYS D 242 4.53 3.37 20.94
C LYS D 242 5.90 4.06 20.96
N GLN D 243 5.95 5.19 21.65
CA GLN D 243 7.17 5.99 21.79
C GLN D 243 8.28 5.16 22.46
N LEU D 244 7.90 4.33 23.41
CA LEU D 244 8.85 3.52 24.14
C LEU D 244 9.54 2.45 23.30
N VAL D 245 8.80 1.79 22.43
CA VAL D 245 9.41 0.76 21.61
C VAL D 245 9.90 1.25 20.25
N GLY D 246 9.56 2.49 19.92
CA GLY D 246 10.00 3.05 18.64
C GLY D 246 9.20 2.64 17.42
N VAL D 247 7.97 2.18 17.62
CA VAL D 247 7.15 1.78 16.49
C VAL D 247 6.65 3.05 15.81
N THR D 248 6.90 4.17 16.49
CA THR D 248 6.52 5.48 15.96
C THR D 248 7.46 5.78 14.78
N GLU D 249 8.75 5.71 15.05
CA GLU D 249 9.81 5.97 14.07
C GLU D 249 9.64 5.17 12.77
N ARG D 250 8.94 4.04 12.86
CA ARG D 250 8.71 3.21 11.68
C ARG D 250 7.34 3.55 11.08
N GLU D 251 6.96 2.81 10.04
CA GLU D 251 5.66 2.99 9.39
C GLU D 251 4.97 1.65 9.56
N SER D 252 3.83 1.67 10.24
CA SER D 252 3.07 0.44 10.51
C SER D 252 1.57 0.62 10.37
N TYR D 253 0.82 -0.31 10.94
CA TYR D 253 -0.64 -0.24 10.89
C TYR D 253 -1.20 0.13 12.24
N VAL D 254 -0.30 0.49 13.14
CA VAL D 254 -0.67 0.89 14.50
C VAL D 254 -1.59 2.10 14.43
N LYS D 255 -2.51 2.21 15.38
CA LYS D 255 -3.43 3.34 15.41
C LYS D 255 -3.19 4.22 16.63
N ALA D 256 -2.41 3.73 17.59
CA ALA D 256 -2.10 4.49 18.81
C ALA D 256 -1.25 5.73 18.49
C ACE E 1 33.93 21.07 -17.47
O ACE E 1 34.06 21.39 -16.29
CH3 ACE E 1 34.85 21.75 -18.51
N VAL E 2 33.04 20.17 -17.90
CA VAL E 2 32.12 19.48 -16.99
C VAL E 2 32.16 17.96 -17.18
N DMK E 3 31.87 17.22 -16.10
CA DMK E 3 31.83 15.76 -16.18
CB DMK E 3 32.90 15.12 -15.26
CG1 DMK E 3 34.35 15.38 -15.76
CG2 DMK E 3 32.74 15.68 -13.83
CG3 DMK E 3 32.68 13.57 -15.23
OD1 DMK E 3 34.76 15.12 -16.90
OD2 DMK E 3 35.27 15.82 -15.06
C DMK E 3 30.44 15.26 -15.77
O DMK E 3 29.87 15.72 -14.78
N DMH E 4 29.89 14.34 -16.56
CA DMH E 4 28.56 13.82 -16.30
CB DMH E 4 27.64 14.03 -17.52
CG DMH E 4 27.38 15.51 -17.81
OD1 DMH E 4 27.65 16.38 -16.98
ND2 DMH E 4 26.83 15.80 -19.00
CE1 DMH E 4 26.51 14.80 -20.03
CE2 DMH E 4 26.50 17.15 -19.36
C DMH E 4 28.53 12.33 -15.93
O DMH E 4 29.04 11.48 -16.66
N ALA E 5 27.90 12.03 -14.79
CA ALA E 5 27.77 10.67 -14.29
C ALA E 5 26.31 10.12 -14.45
C1 CFT E 6 26.07 9.52 -15.86
FB1 CFT E 6 26.87 8.50 -16.03
FB2 CFT E 6 24.85 9.04 -16.02
FB3 CFT E 6 26.28 10.35 -16.85
C ACE F 1 -1.45 -23.68 -26.19
O ACE F 1 -1.16 -24.16 -27.29
CH3 ACE F 1 -2.49 -24.31 -25.24
N VAL F 2 -0.89 -22.58 -25.72
CA VAL F 2 0.12 -21.86 -26.50
C VAL F 2 1.36 -21.61 -25.66
N DMK F 3 2.51 -21.55 -26.31
CA DMK F 3 3.76 -21.26 -25.63
CB DMK F 3 4.73 -22.44 -25.64
CG1 DMK F 3 4.47 -23.31 -24.40
CG2 DMK F 3 4.55 -23.30 -26.91
CG3 DMK F 3 6.20 -21.95 -25.54
OD1 DMK F 3 4.48 -22.80 -23.27
OD2 DMK F 3 4.30 -24.53 -24.39
C DMK F 3 4.36 -20.07 -26.36
O DMK F 3 4.42 -20.06 -27.59
N DMH F 4 4.78 -19.06 -25.60
CA DMH F 4 5.38 -17.86 -26.20
CB DMH F 4 4.57 -16.62 -25.84
CG DMH F 4 3.14 -16.70 -26.33
OD1 DMH F 4 2.82 -17.54 -27.19
ND2 DMH F 4 2.26 -15.82 -25.83
CE1 DMH F 4 2.64 -14.84 -24.89
CE2 DMH F 4 0.87 -15.84 -26.23
C DMH F 4 6.83 -17.69 -25.79
O DMH F 4 7.14 -17.58 -24.60
N ALA F 5 7.72 -17.64 -26.78
CA ALA F 5 9.15 -17.49 -26.55
C ALA F 5 9.68 -16.04 -26.91
C1 CFT F 6 9.52 -15.09 -25.68
FB1 CFT F 6 9.79 -15.57 -24.50
FB2 CFT F 6 10.29 -14.03 -25.82
FB3 CFT F 6 8.28 -14.66 -25.60
C ACE G 1 -27.65 20.77 6.71
O ACE G 1 -28.68 21.13 7.28
CH3 ACE G 1 -27.26 21.45 5.37
N VAL G 2 -26.85 19.82 7.18
CA VAL G 2 -27.13 19.11 8.42
C VAL G 2 -25.85 18.95 9.27
N DMK G 3 -25.98 19.12 10.58
CA DMK G 3 -24.85 18.96 11.48
CB DMK G 3 -24.55 20.25 12.27
CG1 DMK G 3 -23.71 21.30 11.49
CG2 DMK G 3 -25.88 20.92 12.70
CG3 DMK G 3 -23.74 19.89 13.55
OD1 DMK G 3 -22.54 21.12 11.14
OD2 DMK G 3 -24.08 22.44 11.24
C DMK G 3 -25.14 17.83 12.47
O DMK G 3 -26.21 17.80 13.10
N DMH G 4 -24.21 16.91 12.61
CA DMH G 4 -24.38 15.80 13.53
CB DMH G 4 -24.23 14.48 12.79
CG DMH G 4 -25.32 14.29 11.75
OD1 DMH G 4 -26.43 14.79 11.90
ND2 DMH G 4 -25.00 13.54 10.68
CE1 DMH G 4 -23.73 12.93 10.49
CE2 DMH G 4 -25.97 13.34 9.65
C DMH G 4 -23.38 15.86 14.69
O DMH G 4 -22.18 16.00 14.49
N ALA G 5 -23.92 15.76 15.91
CA ALA G 5 -23.14 15.80 17.14
C ALA G 5 -23.18 14.42 17.92
C1 CFT G 6 -22.04 13.48 17.44
FB1 CFT G 6 -20.94 14.16 17.63
FB2 CFT G 6 -21.88 12.40 18.16
FB3 CFT G 6 -22.04 13.10 16.19
C ACE H 1 -0.66 -17.93 40.20
O ACE H 1 0.16 -18.56 39.52
CH3 ACE H 1 -0.78 -18.39 41.68
N VAL H 2 -1.41 -16.93 39.71
CA VAL H 2 -1.30 -16.47 38.33
C VAL H 2 -1.65 -15.00 38.13
N DMK H 3 -0.79 -14.29 37.40
CA DMK H 3 -1.02 -12.88 37.14
CB DMK H 3 0.12 -12.02 37.72
CG1 DMK H 3 -0.17 -11.87 39.23
CG2 DMK H 3 1.48 -12.74 37.49
CG3 DMK H 3 0.14 -10.61 37.06
OD1 DMK H 3 -0.81 -10.92 39.72
OD2 DMK H 3 0.10 -12.72 40.09
C DMK H 3 -1.15 -12.64 35.65
O DMK H 3 -0.39 -13.18 34.84
N DMH H 4 -2.15 -11.83 35.30
CA DMH H 4 -2.40 -11.49 33.91
CB DMH H 4 -3.84 -11.89 33.51
CG DMH H 4 -4.05 -13.40 33.50
OD1 DMH H 4 -3.08 -14.18 33.51
ND2 DMH H 4 -5.32 -13.83 33.47
CE1 DMH H 4 -6.46 -12.96 33.47
CE2 DMH H 4 -5.61 -15.26 33.43
C DMH H 4 -2.22 -9.99 33.69
O DMH H 4 -2.51 -9.17 34.57
N ALA H 5 -1.70 -9.65 32.51
CA ALA H 5 -1.47 -8.28 32.12
C ALA H 5 -2.23 -7.93 30.81
C1 CFT H 6 -3.71 -7.56 31.13
FB1 CFT H 6 -3.82 -6.35 31.66
FB2 CFT H 6 -4.41 -7.51 30.03
FB3 CFT H 6 -4.33 -8.40 31.93
#